data_4N5V
#
_entry.id   4N5V
#
_cell.length_a   79.595
_cell.length_b   92.542
_cell.length_c   121.063
_cell.angle_alpha   90.00
_cell.angle_beta   90.00
_cell.angle_gamma   90.00
#
_symmetry.space_group_name_H-M   'P 21 21 21'
#
loop_
_entity.id
_entity.type
_entity.pdbx_description
1 polymer 'Anthranilate phosphoribosyltransferase'
2 non-polymer 1-O-pyrophosphono-5-O-phosphono-alpha-D-ribofuranose
3 non-polymer 'MAGNESIUM ION'
4 non-polymer '2-amino-4-fluorobenzoic acid'
5 non-polymer GLYCEROL
6 water water
#
_entity_poly.entity_id   1
_entity_poly.type   'polypeptide(L)'
_entity_poly.pdbx_seq_one_letter_code
;MALSAEGSSGGSRGGSPKAEAASVPSWPQILGRLTDNRDLARGQAAWAMDQIMTGNARPAQIAAFAVAMTMKAPTADEVG
ELAGVMLSHAHPLPADTVPDDAVDVVGTGGDGVNTVNLSTMAAIVVAAAGVPVVKHGNRAASSLSGGADTLEALGVRIDL
GPDLVARSLAEVGIGFCFAPRFHPSYRHAAAVRREIGVPTVFNLLGPLTNPARPRAGLIGCAFADLAEVMAGVFAARRSS
VLVVHGDDGLDELTTTTTSTIWRVAAGSVDKLTFDPAGFGFARAQLDQLAGGDAQANAAAVRAVLGGARGPVRDAVVLNA
AGAIVAHAGLSSRAEWLPAWEEGLRRASAAIDTGAAEQLLARWVRFGRQILAHHHHHH
;
_entity_poly.pdbx_strand_id   A,B
#
# COMPACT_ATOMS: atom_id res chain seq x y z
N SER A 23 -2.61 15.98 -15.49
CA SER A 23 -3.64 16.64 -16.36
C SER A 23 -5.01 15.93 -16.32
N VAL A 24 -5.01 14.61 -16.58
CA VAL A 24 -6.21 13.80 -16.35
C VAL A 24 -5.86 12.79 -15.24
N PRO A 25 -6.69 12.74 -14.17
CA PRO A 25 -6.31 11.88 -13.05
C PRO A 25 -6.62 10.40 -13.30
N SER A 26 -5.82 9.53 -12.71
CA SER A 26 -6.15 8.12 -12.73
C SER A 26 -5.40 7.44 -11.63
N TRP A 27 -5.80 6.22 -11.32
CA TRP A 27 -5.15 5.44 -10.28
C TRP A 27 -3.65 5.24 -10.54
N PRO A 28 -3.25 4.77 -11.76
CA PRO A 28 -1.79 4.55 -11.95
C PRO A 28 -0.95 5.80 -11.73
N GLN A 29 -1.45 6.94 -12.19
CA GLN A 29 -0.79 8.22 -12.04
C GLN A 29 -0.64 8.60 -10.55
N ILE A 30 -1.75 8.56 -9.82
CA ILE A 30 -1.74 8.96 -8.40
C ILE A 30 -0.95 7.98 -7.51
N LEU A 31 -1.22 6.68 -7.67
CA LEU A 31 -0.46 5.63 -6.97
C LEU A 31 1.04 5.66 -7.29
N GLY A 32 1.38 5.85 -8.57
CA GLY A 32 2.80 6.02 -8.96
C GLY A 32 3.50 7.18 -8.31
N ARG A 33 2.79 8.32 -8.21
CA ARG A 33 3.34 9.51 -7.58
C ARG A 33 3.62 9.23 -6.09
N LEU A 34 2.66 8.60 -5.41
CA LEU A 34 2.81 8.23 -3.98
C LEU A 34 3.94 7.21 -3.77
N THR A 35 3.99 6.15 -4.58
CA THR A 35 5.03 5.11 -4.40
C THR A 35 6.41 5.69 -4.72
N ASP A 36 6.43 6.74 -5.55
CA ASP A 36 7.65 7.51 -5.81
C ASP A 36 8.00 8.48 -4.67
N ASN A 37 7.25 8.39 -3.56
CA ASN A 37 7.47 9.23 -2.38
CA ASN A 37 7.47 9.23 -2.37
C ASN A 37 7.30 10.73 -2.67
N ARG A 38 6.40 11.07 -3.58
CA ARG A 38 6.12 12.48 -3.90
C ARG A 38 4.73 12.91 -3.40
N ASP A 39 4.64 14.14 -2.88
CA ASP A 39 3.33 14.79 -2.61
C ASP A 39 2.50 14.85 -3.87
N LEU A 40 1.18 14.70 -3.70
CA LEU A 40 0.25 14.75 -4.84
C LEU A 40 0.11 16.18 -5.35
N ALA A 41 -0.36 16.33 -6.59
CA ALA A 41 -0.66 17.67 -7.09
C ALA A 41 -2.02 18.03 -6.49
N ARG A 42 -2.27 19.31 -6.37
CA ARG A 42 -3.55 19.79 -5.84
C ARG A 42 -4.70 19.18 -6.62
N GLY A 43 -5.74 18.71 -5.92
CA GLY A 43 -6.89 18.08 -6.56
C GLY A 43 -6.84 16.56 -6.76
N GLN A 44 -5.65 15.97 -6.73
CA GLN A 44 -5.52 14.52 -6.92
C GLN A 44 -6.11 13.71 -5.74
N ALA A 45 -5.77 14.08 -4.52
CA ALA A 45 -6.39 13.44 -3.33
C ALA A 45 -7.91 13.56 -3.40
N ALA A 46 -8.40 14.75 -3.76
CA ALA A 46 -9.86 14.94 -3.90
C ALA A 46 -10.46 14.05 -4.96
N TRP A 47 -9.78 13.96 -6.12
CA TRP A 47 -10.24 13.03 -7.15
C TRP A 47 -10.35 11.58 -6.63
N ALA A 48 -9.30 11.09 -5.97
CA ALA A 48 -9.29 9.73 -5.42
C ALA A 48 -10.43 9.54 -4.41
N MET A 49 -10.55 10.49 -3.46
CA MET A 49 -11.60 10.39 -2.46
C MET A 49 -12.97 10.40 -3.10
N ASP A 50 -13.16 11.20 -4.14
CA ASP A 50 -14.49 11.20 -4.74
C ASP A 50 -14.82 9.87 -5.46
N GLN A 51 -13.83 9.30 -6.13
CA GLN A 51 -13.97 7.94 -6.68
C GLN A 51 -14.40 6.95 -5.56
N ILE A 52 -13.75 7.04 -4.41
CA ILE A 52 -14.00 6.12 -3.30
C ILE A 52 -15.43 6.32 -2.75
N MET A 53 -15.86 7.60 -2.61
CA MET A 53 -17.18 7.93 -2.02
C MET A 53 -18.36 7.63 -2.94
N THR A 54 -18.12 7.58 -4.25
CA THR A 54 -19.21 7.31 -5.18
C THR A 54 -19.29 5.84 -5.56
N GLY A 55 -18.51 5.00 -4.90
CA GLY A 55 -18.52 3.55 -5.20
C GLY A 55 -17.79 3.21 -6.49
N ASN A 56 -17.01 4.15 -7.03
CA ASN A 56 -16.28 3.90 -8.27
C ASN A 56 -14.90 3.30 -8.13
N ALA A 57 -14.42 3.16 -6.91
CA ALA A 57 -13.06 2.65 -6.69
C ALA A 57 -13.11 1.16 -6.37
N ARG A 58 -12.20 0.38 -6.98
CA ARG A 58 -12.07 -1.04 -6.64
C ARG A 58 -11.49 -1.13 -5.24
N PRO A 59 -11.94 -2.10 -4.44
CA PRO A 59 -11.27 -2.31 -3.13
C PRO A 59 -9.74 -2.33 -3.23
N ALA A 60 -9.17 -2.98 -4.26
CA ALA A 60 -7.70 -2.94 -4.42
C ALA A 60 -7.16 -1.51 -4.59
N GLN A 61 -7.87 -0.68 -5.34
CA GLN A 61 -7.43 0.71 -5.52
C GLN A 61 -7.57 1.49 -4.19
N ILE A 62 -8.68 1.30 -3.49
CA ILE A 62 -8.84 1.96 -2.16
C ILE A 62 -7.66 1.63 -1.23
N ALA A 63 -7.37 0.33 -1.11
CA ALA A 63 -6.30 -0.13 -0.22
C ALA A 63 -4.93 0.40 -0.66
N ALA A 64 -4.65 0.34 -1.95
CA ALA A 64 -3.35 0.81 -2.44
C ALA A 64 -3.13 2.31 -2.10
N PHE A 65 -4.17 3.10 -2.34
CA PHE A 65 -4.20 4.55 -2.02
C PHE A 65 -4.00 4.81 -0.52
N ALA A 66 -4.78 4.11 0.31
CA ALA A 66 -4.71 4.33 1.79
C ALA A 66 -3.29 4.03 2.27
N VAL A 67 -2.75 2.89 1.85
CA VAL A 67 -1.39 2.49 2.25
C VAL A 67 -0.30 3.40 1.69
N ALA A 68 -0.36 3.66 0.38
CA ALA A 68 0.67 4.49 -0.25
C ALA A 68 0.67 5.89 0.33
N MET A 69 -0.47 6.46 0.60
CA MET A 69 -0.49 7.76 1.20
C MET A 69 0.14 7.76 2.60
N THR A 70 -0.09 6.72 3.37
CA THR A 70 0.45 6.60 4.74
C THR A 70 1.98 6.51 4.74
N MET A 71 2.52 5.71 3.82
CA MET A 71 3.98 5.50 3.78
C MET A 71 4.73 6.67 3.13
N LYS A 72 4.07 7.39 2.24
CA LYS A 72 4.65 8.66 1.72
C LYS A 72 4.76 9.72 2.85
N ALA A 73 3.72 9.80 3.68
CA ALA A 73 3.57 10.78 4.79
C ALA A 73 2.63 11.86 4.28
N PRO A 74 1.34 11.76 4.65
CA PRO A 74 0.41 12.71 4.06
C PRO A 74 0.61 14.14 4.56
N THR A 75 0.23 15.12 3.75
CA THR A 75 0.33 16.52 4.16
C THR A 75 -1.04 17.03 4.62
N ALA A 76 -1.08 18.17 5.31
CA ALA A 76 -2.36 18.77 5.71
C ALA A 76 -3.22 19.05 4.48
N ASP A 77 -2.60 19.51 3.39
CA ASP A 77 -3.41 19.86 2.19
C ASP A 77 -4.08 18.60 1.66
N GLU A 78 -3.35 17.49 1.64
CA GLU A 78 -3.92 16.23 1.12
C GLU A 78 -5.06 15.73 1.99
N VAL A 79 -4.86 15.74 3.30
CA VAL A 79 -5.86 15.21 4.22
C VAL A 79 -7.05 16.19 4.23
N GLY A 80 -6.76 17.48 4.07
CA GLY A 80 -7.86 18.47 3.88
C GLY A 80 -8.76 18.15 2.72
N GLU A 81 -8.17 17.69 1.61
CA GLU A 81 -8.96 17.25 0.47
C GLU A 81 -9.77 16.00 0.76
N LEU A 82 -9.13 15.00 1.37
CA LEU A 82 -9.89 13.81 1.74
C LEU A 82 -11.11 14.12 2.63
N ALA A 83 -10.86 14.86 3.71
CA ALA A 83 -11.93 15.15 4.68
C ALA A 83 -13.04 16.00 4.02
N GLY A 84 -12.62 16.97 3.19
CA GLY A 84 -13.56 17.87 2.53
C GLY A 84 -14.47 17.13 1.55
N VAL A 85 -13.89 16.23 0.75
CA VAL A 85 -14.73 15.37 -0.12
C VAL A 85 -15.69 14.51 0.71
N MET A 86 -15.18 13.92 1.78
CA MET A 86 -16.02 13.06 2.61
C MET A 86 -17.20 13.87 3.20
N LEU A 87 -16.92 15.07 3.72
CA LEU A 87 -18.00 15.94 4.26
C LEU A 87 -19.04 16.27 3.18
N SER A 88 -18.58 16.44 1.94
CA SER A 88 -19.50 16.81 0.84
C SER A 88 -20.55 15.74 0.61
N HIS A 89 -20.24 14.48 0.95
CA HIS A 89 -21.24 13.42 0.84
C HIS A 89 -22.01 13.13 2.15
N ALA A 90 -21.71 13.82 3.23
CA ALA A 90 -22.33 13.50 4.54
C ALA A 90 -23.73 14.08 4.61
N HIS A 91 -24.59 13.47 5.43
CA HIS A 91 -25.85 14.10 5.83
C HIS A 91 -25.55 15.28 6.76
N PRO A 92 -25.90 16.50 6.33
CA PRO A 92 -25.71 17.62 7.27
C PRO A 92 -26.84 17.69 8.29
N LEU A 93 -26.65 18.48 9.32
CA LEU A 93 -27.75 18.85 10.21
C LEU A 93 -28.58 20.01 9.57
N PRO A 94 -29.87 20.14 9.95
CA PRO A 94 -30.71 21.19 9.36
C PRO A 94 -30.09 22.56 9.58
N ALA A 95 -30.36 23.49 8.66
CA ALA A 95 -29.84 24.85 8.74
C ALA A 95 -30.17 25.47 10.08
N ASP A 96 -29.21 26.22 10.63
CA ASP A 96 -29.36 26.98 11.89
C ASP A 96 -29.77 26.18 13.13
N THR A 97 -29.30 24.94 13.23
CA THR A 97 -29.58 24.10 14.40
C THR A 97 -28.33 23.82 15.26
N VAL A 98 -27.18 24.28 14.79
CA VAL A 98 -25.95 24.06 15.54
C VAL A 98 -25.43 25.41 16.03
N PRO A 99 -25.28 25.57 17.37
CA PRO A 99 -24.83 26.86 17.89
C PRO A 99 -23.40 27.17 17.42
N ASP A 100 -23.13 28.45 17.18
CA ASP A 100 -21.82 28.87 16.66
C ASP A 100 -20.64 28.39 17.50
N ASP A 101 -20.88 28.13 18.76
CA ASP A 101 -19.83 27.81 19.70
C ASP A 101 -19.89 26.35 20.19
N ALA A 102 -20.56 25.48 19.44
CA ALA A 102 -20.60 24.05 19.75
C ALA A 102 -19.20 23.42 19.72
N VAL A 103 -19.00 22.38 20.54
CA VAL A 103 -17.69 21.72 20.68
C VAL A 103 -17.84 20.19 20.44
N ASP A 104 -16.78 19.56 19.92
CA ASP A 104 -16.72 18.10 19.76
C ASP A 104 -15.63 17.64 20.71
N VAL A 105 -15.73 16.39 21.14
CA VAL A 105 -14.67 15.72 21.92
C VAL A 105 -14.59 14.30 21.38
N VAL A 106 -13.51 13.97 20.70
CA VAL A 106 -13.39 12.68 20.02
C VAL A 106 -11.95 12.46 19.57
N GLY A 107 -11.56 11.18 19.47
CA GLY A 107 -10.26 10.83 18.93
C GLY A 107 -10.27 9.82 17.80
N THR A 108 -9.08 9.54 17.26
CA THR A 108 -8.90 8.52 16.24
C THR A 108 -9.21 7.12 16.80
N GLY A 109 -9.04 6.97 18.12
CA GLY A 109 -8.93 5.60 18.70
C GLY A 109 -7.64 4.93 18.19
N GLY A 110 -7.51 3.62 18.36
CA GLY A 110 -6.33 2.89 17.86
C GLY A 110 -5.09 3.13 18.70
N ASP A 111 -5.26 3.62 19.92
CA ASP A 111 -4.10 3.77 20.78
C ASP A 111 -3.59 2.43 21.39
N GLY A 112 -4.40 1.37 21.31
CA GLY A 112 -3.96 0.03 21.72
C GLY A 112 -4.02 -0.25 23.21
N VAL A 113 -4.49 0.74 24.01
CA VAL A 113 -4.60 0.62 25.48
C VAL A 113 -6.09 0.46 25.78
N ASN A 114 -6.48 -0.55 26.56
CA ASN A 114 -7.91 -0.73 26.79
C ASN A 114 -8.38 0.23 27.91
N THR A 115 -8.67 1.48 27.57
CA THR A 115 -9.10 2.41 28.64
C THR A 115 -10.64 2.52 28.72
N VAL A 116 -11.11 3.18 29.77
CA VAL A 116 -12.49 3.57 29.88
C VAL A 116 -12.72 4.66 28.80
N ASN A 117 -13.96 5.04 28.57
CA ASN A 117 -14.28 5.97 27.44
C ASN A 117 -14.12 7.44 27.84
N LEU A 118 -12.88 7.91 27.81
CA LEU A 118 -12.57 9.23 28.35
C LEU A 118 -13.19 10.37 27.55
N SER A 119 -13.24 10.24 26.22
CA SER A 119 -13.78 11.36 25.42
C SER A 119 -15.27 11.50 25.67
N THR A 120 -15.94 10.36 25.73
CA THR A 120 -17.39 10.30 25.86
C THR A 120 -17.83 10.80 27.23
N MET A 121 -17.06 10.43 28.27
CA MET A 121 -17.28 10.95 29.63
C MET A 121 -17.01 12.45 29.74
N ALA A 122 -15.82 12.90 29.30
CA ALA A 122 -15.57 14.33 29.15
C ALA A 122 -16.71 15.07 28.39
N ALA A 123 -17.22 14.51 27.29
CA ALA A 123 -18.27 15.20 26.51
C ALA A 123 -19.55 15.48 27.33
N ILE A 124 -19.98 14.49 28.10
CA ILE A 124 -21.11 14.68 29.04
C ILE A 124 -20.81 15.77 30.08
N VAL A 125 -19.60 15.77 30.65
CA VAL A 125 -19.25 16.76 31.66
C VAL A 125 -19.24 18.18 31.05
N VAL A 126 -18.61 18.31 29.89
CA VAL A 126 -18.61 19.58 29.16
C VAL A 126 -20.03 20.08 28.90
N ALA A 127 -20.93 19.24 28.38
CA ALA A 127 -22.31 19.69 28.18
C ALA A 127 -22.95 20.15 29.51
N ALA A 128 -22.68 19.42 30.58
CA ALA A 128 -23.26 19.71 31.90
C ALA A 128 -22.71 21.02 32.49
N ALA A 129 -21.54 21.40 32.01
CA ALA A 129 -20.93 22.65 32.39
C ALA A 129 -21.52 23.85 31.60
N GLY A 130 -22.37 23.55 30.60
CA GLY A 130 -23.15 24.58 29.88
C GLY A 130 -22.62 24.89 28.48
N VAL A 131 -21.66 24.09 28.01
CA VAL A 131 -21.10 24.28 26.66
C VAL A 131 -21.87 23.34 25.71
N PRO A 132 -22.37 23.86 24.58
CA PRO A 132 -23.10 22.94 23.67
C PRO A 132 -22.16 21.90 23.05
N VAL A 133 -22.58 20.63 23.02
CA VAL A 133 -21.66 19.59 22.54
C VAL A 133 -22.33 18.86 21.41
N VAL A 134 -21.68 18.77 20.27
CA VAL A 134 -22.17 17.88 19.24
C VAL A 134 -21.03 16.93 18.93
N LYS A 135 -21.18 15.70 19.43
CA LYS A 135 -20.13 14.72 19.37
C LYS A 135 -20.31 13.77 18.20
N HIS A 136 -19.21 13.55 17.50
CA HIS A 136 -19.10 12.54 16.47
C HIS A 136 -18.48 11.32 17.17
N GLY A 137 -18.82 10.13 16.68
CA GLY A 137 -18.16 8.91 17.19
C GLY A 137 -18.65 7.65 16.50
N ASN A 138 -18.17 6.50 16.99
CA ASN A 138 -18.47 5.22 16.34
C ASN A 138 -18.26 4.11 17.37
N ARG A 139 -18.75 2.92 17.05
CA ARG A 139 -18.43 1.73 17.86
C ARG A 139 -16.91 1.46 17.90
N ALA A 140 -16.50 0.50 18.74
CA ALA A 140 -15.09 0.12 18.82
C ALA A 140 -14.60 -0.41 17.47
N ALA A 141 -13.34 -0.17 17.15
CA ALA A 141 -12.67 -0.81 16.03
C ALA A 141 -11.65 -1.81 16.58
N SER A 142 -10.79 -1.42 17.51
CA SER A 142 -9.87 -2.40 18.11
C SER A 142 -9.93 -2.52 19.64
N SER A 143 -10.73 -1.67 20.30
CA SER A 143 -10.89 -1.74 21.76
C SER A 143 -12.08 -2.61 22.14
N LEU A 144 -12.26 -2.82 23.45
CA LEU A 144 -13.37 -3.65 23.94
C LEU A 144 -14.74 -2.94 23.88
N SER A 145 -14.72 -1.61 23.99
CA SER A 145 -15.94 -0.80 23.92
C SER A 145 -15.59 0.61 23.50
N GLY A 146 -16.23 1.07 22.43
CA GLY A 146 -16.03 2.40 21.89
C GLY A 146 -17.03 3.36 22.50
N GLY A 147 -16.91 4.63 22.15
CA GLY A 147 -17.78 5.64 22.74
C GLY A 147 -19.23 5.33 22.43
N ALA A 148 -19.52 4.95 21.19
CA ALA A 148 -20.92 4.63 20.82
C ALA A 148 -21.50 3.40 21.53
N ASP A 149 -20.67 2.38 21.74
CA ASP A 149 -21.08 1.15 22.47
C ASP A 149 -21.43 1.52 23.93
N THR A 150 -20.58 2.32 24.56
CA THR A 150 -20.80 2.72 25.94
C THR A 150 -22.07 3.56 26.06
N LEU A 151 -22.26 4.55 25.15
CA LEU A 151 -23.49 5.36 25.13
C LEU A 151 -24.74 4.50 24.99
N GLU A 152 -24.65 3.54 24.08
CA GLU A 152 -25.76 2.62 23.89
C GLU A 152 -26.07 1.86 25.19
N ALA A 153 -25.03 1.41 25.88
CA ALA A 153 -25.18 0.62 27.13
C ALA A 153 -25.76 1.46 28.25
N LEU A 154 -25.62 2.77 28.12
CA LEU A 154 -26.10 3.71 29.11
C LEU A 154 -27.56 4.03 28.86
N GLY A 155 -28.08 3.60 27.71
CA GLY A 155 -29.44 3.92 27.31
C GLY A 155 -29.59 5.15 26.42
N VAL A 156 -28.47 5.73 26.00
CA VAL A 156 -28.49 6.90 25.10
C VAL A 156 -28.69 6.39 23.67
N ARG A 157 -29.54 7.08 22.90
CA ARG A 157 -29.82 6.69 21.53
C ARG A 157 -28.64 7.10 20.64
N ILE A 158 -28.09 6.13 19.91
CA ILE A 158 -26.95 6.38 18.99
C ILE A 158 -27.38 6.18 17.52
N ASP A 159 -28.68 6.16 17.29
CA ASP A 159 -29.24 5.81 15.99
C ASP A 159 -30.02 6.99 15.39
N LEU A 160 -29.83 8.18 15.92
CA LEU A 160 -30.65 9.33 15.53
C LEU A 160 -30.10 10.01 14.29
N GLY A 161 -31.01 10.42 13.42
CA GLY A 161 -30.64 11.12 12.19
C GLY A 161 -30.56 12.62 12.42
N PRO A 162 -30.29 13.40 11.36
CA PRO A 162 -30.03 14.84 11.46
C PRO A 162 -31.07 15.63 12.31
N ASP A 163 -32.36 15.43 12.03
CA ASP A 163 -33.42 16.21 12.73
C ASP A 163 -33.45 15.93 14.22
N LEU A 164 -33.41 14.66 14.61
CA LEU A 164 -33.43 14.28 16.02
C LEU A 164 -32.15 14.63 16.78
N VAL A 165 -30.99 14.57 16.11
CA VAL A 165 -29.77 15.11 16.72
C VAL A 165 -29.90 16.63 16.95
N ALA A 166 -30.42 17.37 15.98
CA ALA A 166 -30.62 18.81 16.19
C ALA A 166 -31.52 19.03 17.43
N ARG A 167 -32.55 18.21 17.57
CA ARG A 167 -33.47 18.31 18.72
C ARG A 167 -32.80 17.96 20.05
N SER A 168 -32.01 16.89 20.06
CA SER A 168 -31.21 16.53 21.23
C SER A 168 -30.35 17.70 21.67
N LEU A 169 -29.70 18.34 20.70
CA LEU A 169 -28.81 19.46 21.00
C LEU A 169 -29.60 20.64 21.61
N ALA A 170 -30.75 20.96 21.03
CA ALA A 170 -31.59 22.05 21.51
C ALA A 170 -32.24 21.75 22.86
N GLU A 171 -32.64 20.50 23.08
CA GLU A 171 -33.40 20.13 24.28
C GLU A 171 -32.54 19.64 25.43
N VAL A 172 -31.41 19.03 25.10
CA VAL A 172 -30.51 18.48 26.14
C VAL A 172 -29.15 19.20 26.25
N GLY A 173 -28.75 19.91 25.21
CA GLY A 173 -27.46 20.61 25.21
C GLY A 173 -26.35 19.69 24.69
N ILE A 174 -26.70 18.48 24.26
CA ILE A 174 -25.73 17.54 23.69
C ILE A 174 -26.41 16.68 22.63
N GLY A 175 -25.68 16.34 21.58
CA GLY A 175 -26.20 15.46 20.53
C GLY A 175 -25.08 14.54 20.08
N PHE A 176 -25.41 13.33 19.65
CA PHE A 176 -24.38 12.38 19.20
C PHE A 176 -24.59 12.00 17.74
N CYS A 177 -23.60 12.26 16.88
CA CYS A 177 -23.69 11.84 15.47
C CYS A 177 -22.92 10.54 15.26
N PHE A 178 -23.67 9.46 15.00
CA PHE A 178 -23.09 8.13 14.79
C PHE A 178 -22.55 8.10 13.37
N ALA A 179 -21.24 7.94 13.21
CA ALA A 179 -20.60 8.08 11.87
C ALA A 179 -21.27 7.29 10.74
N PRO A 180 -21.52 5.97 10.93
CA PRO A 180 -22.19 5.22 9.85
C PRO A 180 -23.56 5.77 9.43
N ARG A 181 -24.28 6.41 10.35
CA ARG A 181 -25.59 6.97 10.03
C ARG A 181 -25.40 8.24 9.19
N PHE A 182 -24.37 9.01 9.49
CA PHE A 182 -24.17 10.28 8.79
C PHE A 182 -23.29 10.22 7.53
N HIS A 183 -22.51 9.14 7.40
CA HIS A 183 -21.53 8.98 6.32
C HIS A 183 -21.74 7.66 5.55
N PRO A 184 -22.95 7.46 5.04
CA PRO A 184 -23.19 6.14 4.44
C PRO A 184 -22.26 5.85 3.25
N SER A 185 -21.85 6.89 2.52
CA SER A 185 -21.06 6.71 1.29
C SER A 185 -19.62 6.33 1.58
N TYR A 186 -19.22 6.46 2.83
CA TYR A 186 -17.90 6.03 3.27
C TYR A 186 -17.81 4.50 3.44
N ARG A 187 -18.90 3.78 3.17
CA ARG A 187 -18.96 2.34 3.47
CA ARG A 187 -18.99 2.33 3.45
C ARG A 187 -17.89 1.52 2.75
N HIS A 188 -17.47 1.96 1.57
CA HIS A 188 -16.47 1.21 0.81
C HIS A 188 -15.12 1.34 1.44
N ALA A 189 -14.76 2.57 1.84
CA ALA A 189 -13.49 2.81 2.53
C ALA A 189 -13.48 2.11 3.91
N ALA A 190 -14.62 2.15 4.61
CA ALA A 190 -14.65 1.54 5.94
C ALA A 190 -14.48 0.02 5.83
N ALA A 191 -15.13 -0.61 4.86
CA ALA A 191 -14.93 -2.06 4.63
C ALA A 191 -13.43 -2.38 4.40
N VAL A 192 -12.73 -1.54 3.61
CA VAL A 192 -11.33 -1.77 3.32
C VAL A 192 -10.44 -1.58 4.54
N ARG A 193 -10.71 -0.53 5.32
CA ARG A 193 -10.05 -0.36 6.61
C ARG A 193 -10.13 -1.64 7.45
N ARG A 194 -11.32 -2.22 7.56
CA ARG A 194 -11.49 -3.43 8.36
C ARG A 194 -10.72 -4.62 7.77
N GLU A 195 -10.74 -4.76 6.45
CA GLU A 195 -10.07 -5.90 5.80
C GLU A 195 -8.57 -5.84 5.97
N ILE A 196 -7.98 -4.67 5.82
CA ILE A 196 -6.52 -4.60 5.89
C ILE A 196 -5.99 -4.45 7.33
N GLY A 197 -6.80 -3.86 8.22
CA GLY A 197 -6.44 -3.79 9.62
C GLY A 197 -5.43 -2.74 10.02
N VAL A 198 -4.33 -2.63 9.29
CA VAL A 198 -3.26 -1.70 9.61
C VAL A 198 -3.81 -0.24 9.61
N PRO A 199 -3.40 0.59 10.59
CA PRO A 199 -3.80 2.01 10.56
C PRO A 199 -3.23 2.70 9.35
N THR A 200 -4.04 3.57 8.78
CA THR A 200 -3.63 4.40 7.65
C THR A 200 -4.06 5.86 7.84
N VAL A 201 -3.84 6.68 6.82
CA VAL A 201 -4.34 8.04 6.80
C VAL A 201 -5.87 8.04 6.99
N PHE A 202 -6.56 6.99 6.54
CA PHE A 202 -8.01 6.95 6.72
C PHE A 202 -8.44 7.02 8.20
N ASN A 203 -7.60 6.55 9.13
CA ASN A 203 -7.92 6.59 10.57
C ASN A 203 -8.06 8.03 11.10
N LEU A 204 -7.55 9.00 10.36
CA LEU A 204 -7.65 10.41 10.70
C LEU A 204 -9.02 11.02 10.43
N LEU A 205 -9.80 10.37 9.57
CA LEU A 205 -10.94 11.04 8.95
C LEU A 205 -12.17 11.19 9.83
N GLY A 206 -12.44 10.22 10.69
CA GLY A 206 -13.60 10.34 11.60
C GLY A 206 -13.59 11.66 12.34
N PRO A 207 -12.53 11.94 13.12
CA PRO A 207 -12.51 13.18 13.89
C PRO A 207 -12.57 14.43 13.00
N LEU A 208 -12.10 14.32 11.76
CA LEU A 208 -12.11 15.47 10.84
C LEU A 208 -13.44 15.73 10.17
N THR A 209 -14.40 14.84 10.33
CA THR A 209 -15.60 14.86 9.49
C THR A 209 -16.88 14.89 10.34
N ASN A 210 -16.84 15.53 11.52
CA ASN A 210 -18.09 15.69 12.28
C ASN A 210 -19.15 16.33 11.34
N PRO A 211 -20.31 15.68 11.12
CA PRO A 211 -21.20 16.25 10.12
C PRO A 211 -21.88 17.57 10.54
N ALA A 212 -21.88 17.88 11.83
CA ALA A 212 -22.47 19.14 12.32
C ALA A 212 -21.45 20.28 12.19
N ARG A 213 -20.22 19.93 11.85
CA ARG A 213 -19.14 20.89 11.64
C ARG A 213 -18.92 21.91 12.77
N PRO A 214 -18.78 21.44 14.03
CA PRO A 214 -18.55 22.43 15.08
C PRO A 214 -17.21 23.14 14.89
N ARG A 215 -17.11 24.36 15.44
CA ARG A 215 -15.91 25.15 15.21
CA ARG A 215 -15.95 25.21 15.25
C ARG A 215 -14.89 24.95 16.32
N ALA A 216 -15.27 24.21 17.37
CA ALA A 216 -14.30 23.94 18.45
C ALA A 216 -14.21 22.47 18.73
N GLY A 217 -13.09 22.06 19.31
CA GLY A 217 -12.94 20.66 19.65
C GLY A 217 -11.72 20.28 20.44
N LEU A 218 -11.84 19.16 21.15
CA LEU A 218 -10.70 18.50 21.78
C LEU A 218 -10.54 17.19 20.99
N ILE A 219 -9.46 17.09 20.21
CA ILE A 219 -9.34 16.01 19.21
C ILE A 219 -8.11 15.13 19.53
N GLY A 220 -8.34 13.86 19.87
CA GLY A 220 -7.24 12.97 20.30
C GLY A 220 -6.63 12.28 19.07
N CYS A 221 -5.32 12.12 19.08
CA CYS A 221 -4.65 11.43 17.96
C CYS A 221 -3.71 10.37 18.57
N ALA A 222 -3.92 9.12 18.20
CA ALA A 222 -3.11 8.00 18.71
C ALA A 222 -1.72 7.97 18.06
N PHE A 223 -1.60 8.61 16.89
CA PHE A 223 -0.37 8.53 16.08
C PHE A 223 0.35 9.87 16.15
N ALA A 224 1.43 9.92 16.92
CA ALA A 224 2.14 11.20 17.15
C ALA A 224 2.61 11.88 15.87
N ASP A 225 2.94 11.08 14.87
CA ASP A 225 3.52 11.60 13.62
C ASP A 225 2.48 12.30 12.73
N LEU A 226 1.19 12.06 12.99
CA LEU A 226 0.10 12.57 12.15
C LEU A 226 -0.75 13.66 12.83
N ALA A 227 -0.49 13.90 14.11
CA ALA A 227 -1.22 14.91 14.86
C ALA A 227 -0.99 16.31 14.28
N GLU A 228 0.22 16.61 13.83
CA GLU A 228 0.46 17.91 13.25
C GLU A 228 -0.36 18.12 11.97
N VAL A 229 -0.53 17.05 11.20
CA VAL A 229 -1.30 17.07 9.98
C VAL A 229 -2.78 17.34 10.30
N MET A 230 -3.33 16.61 11.28
CA MET A 230 -4.69 16.86 11.74
CA MET A 230 -4.69 16.84 11.76
C MET A 230 -4.84 18.32 12.18
N ALA A 231 -3.87 18.82 12.95
CA ALA A 231 -3.92 20.21 13.38
C ALA A 231 -3.93 21.16 12.17
N GLY A 232 -3.11 20.87 11.15
CA GLY A 232 -3.03 21.70 9.96
C GLY A 232 -4.36 21.75 9.22
N VAL A 233 -5.08 20.63 9.20
CA VAL A 233 -6.40 20.59 8.60
C VAL A 233 -7.40 21.51 9.34
N PHE A 234 -7.42 21.43 10.67
CA PHE A 234 -8.25 22.32 11.48
C PHE A 234 -7.89 23.80 11.34
N ALA A 235 -6.59 24.08 11.24
CA ALA A 235 -6.06 25.44 11.02
C ALA A 235 -6.65 26.13 9.79
N ALA A 236 -6.86 25.38 8.71
CA ALA A 236 -7.45 25.94 7.50
C ALA A 236 -8.97 26.12 7.59
N ARG A 237 -9.59 25.66 8.67
CA ARG A 237 -11.01 25.85 8.88
C ARG A 237 -11.28 26.99 9.86
N ARG A 238 -10.22 27.56 10.43
CA ARG A 238 -10.38 28.58 11.48
C ARG A 238 -11.24 27.99 12.62
N SER A 239 -10.81 26.86 13.14
CA SER A 239 -11.49 26.26 14.24
C SER A 239 -10.69 26.70 15.44
N SER A 240 -11.21 26.52 16.64
CA SER A 240 -10.36 26.59 17.84
C SER A 240 -10.29 25.16 18.40
N VAL A 241 -9.13 24.51 18.26
CA VAL A 241 -9.07 23.09 18.52
C VAL A 241 -7.82 22.79 19.32
N LEU A 242 -7.87 21.83 20.23
CA LEU A 242 -6.65 21.25 20.78
C LEU A 242 -6.57 19.83 20.25
N VAL A 243 -5.59 19.60 19.39
CA VAL A 243 -5.21 18.25 19.00
C VAL A 243 -4.24 17.73 20.04
N VAL A 244 -4.54 16.56 20.59
CA VAL A 244 -3.77 16.07 21.74
C VAL A 244 -3.28 14.65 21.55
N HIS A 245 -2.10 14.38 22.09
CA HIS A 245 -1.53 13.06 22.13
C HIS A 245 -0.80 12.88 23.45
N GLY A 246 -1.23 11.90 24.24
CA GLY A 246 -0.56 11.61 25.51
C GLY A 246 0.82 11.08 25.20
N ASP A 247 1.83 11.49 25.97
CA ASP A 247 3.18 11.04 25.66
C ASP A 247 3.41 9.59 26.14
N ASP A 248 2.34 8.96 26.61
CA ASP A 248 2.26 7.52 26.88
C ASP A 248 1.51 6.76 25.77
N GLY A 249 1.12 7.49 24.71
CA GLY A 249 0.44 6.90 23.54
C GLY A 249 -1.08 7.06 23.47
N LEU A 250 -1.70 7.60 24.54
CA LEU A 250 -3.16 7.72 24.55
C LEU A 250 -3.63 8.75 23.54
N ASP A 251 -4.76 8.52 22.91
CA ASP A 251 -5.38 9.57 22.09
C ASP A 251 -6.30 10.48 22.94
N GLU A 252 -5.77 10.94 24.07
CA GLU A 252 -6.50 11.75 25.07
C GLU A 252 -5.41 12.53 25.79
N LEU A 253 -5.79 13.57 26.54
CA LEU A 253 -4.83 14.16 27.49
C LEU A 253 -4.65 13.13 28.59
N THR A 254 -3.42 12.78 28.90
CA THR A 254 -3.18 11.70 29.86
C THR A 254 -2.92 12.25 31.26
N THR A 255 -3.12 11.40 32.26
CA THR A 255 -2.68 11.71 33.62
C THR A 255 -1.40 10.94 34.04
N THR A 256 -0.89 10.07 33.15
CA THR A 256 0.27 9.22 33.52
C THR A 256 1.59 9.90 33.23
N THR A 257 1.55 10.96 32.43
CA THR A 257 2.75 11.66 32.05
C THR A 257 2.34 12.96 31.35
N THR A 258 3.26 13.60 30.63
CA THR A 258 2.95 14.76 29.82
C THR A 258 2.15 14.37 28.55
N SER A 259 1.66 15.39 27.87
CA SER A 259 0.95 15.22 26.62
C SER A 259 1.50 16.25 25.66
N THR A 260 1.47 15.94 24.36
CA THR A 260 1.75 16.96 23.38
C THR A 260 0.44 17.57 22.89
N ILE A 261 0.38 18.89 22.80
CA ILE A 261 -0.86 19.55 22.35
C ILE A 261 -0.53 20.43 21.17
N TRP A 262 -1.29 20.26 20.10
CA TRP A 262 -1.19 21.16 18.97
C TRP A 262 -2.41 22.04 19.05
N ARG A 263 -2.16 23.27 19.42
CA ARG A 263 -3.18 24.21 19.73
C ARG A 263 -3.44 25.01 18.45
N VAL A 264 -4.68 24.93 17.97
CA VAL A 264 -5.07 25.54 16.70
C VAL A 264 -6.03 26.69 16.95
N ALA A 265 -5.69 27.87 16.42
CA ALA A 265 -6.59 29.02 16.44
C ALA A 265 -6.15 30.04 15.41
N ALA A 266 -7.12 30.79 14.91
CA ALA A 266 -6.90 31.92 14.00
C ALA A 266 -6.03 31.52 12.79
N GLY A 267 -6.24 30.30 12.32
CA GLY A 267 -5.53 29.78 11.16
C GLY A 267 -4.09 29.34 11.41
N SER A 268 -3.65 29.38 12.66
CA SER A 268 -2.30 28.88 12.95
C SER A 268 -2.28 27.82 14.06
N VAL A 269 -1.07 27.29 14.31
CA VAL A 269 -0.83 26.16 15.19
C VAL A 269 0.31 26.54 16.13
N ASP A 270 0.20 26.14 17.41
CA ASP A 270 1.15 26.45 18.49
C ASP A 270 1.33 25.10 19.19
N LYS A 271 2.44 24.42 18.89
CA LYS A 271 2.73 23.12 19.50
C LYS A 271 3.34 23.31 20.89
N LEU A 272 2.92 22.53 21.86
CA LEU A 272 3.47 22.67 23.22
C LEU A 272 3.36 21.36 23.99
N THR A 273 4.20 21.23 25.02
CA THR A 273 4.20 20.11 25.94
C THR A 273 3.38 20.50 27.15
N PHE A 274 2.44 19.65 27.52
CA PHE A 274 1.49 19.95 28.57
C PHE A 274 1.72 18.99 29.72
N ASP A 275 1.76 19.54 30.92
CA ASP A 275 1.98 18.76 32.12
C ASP A 275 0.93 19.04 33.20
N PRO A 276 0.07 18.05 33.48
CA PRO A 276 -1.02 18.20 34.46
C PRO A 276 -0.57 18.40 35.93
N ALA A 277 0.69 18.07 36.23
CA ALA A 277 1.27 18.26 37.57
C ALA A 277 1.32 19.76 37.89
N GLY A 278 1.40 20.58 36.85
CA GLY A 278 1.30 22.02 37.01
C GLY A 278 -0.05 22.45 37.56
N PHE A 279 -1.08 21.61 37.44
CA PHE A 279 -2.39 21.93 38.00
C PHE A 279 -2.67 21.11 39.26
N GLY A 280 -1.64 20.44 39.75
CA GLY A 280 -1.73 19.66 40.98
C GLY A 280 -2.28 18.27 40.82
N PHE A 281 -2.33 17.74 39.61
CA PHE A 281 -2.76 16.35 39.40
C PHE A 281 -1.64 15.38 39.79
N ALA A 282 -1.99 14.31 40.49
CA ALA A 282 -1.05 13.22 40.77
C ALA A 282 -0.88 12.34 39.53
N ARG A 283 0.36 11.87 39.30
CA ARG A 283 0.66 10.90 38.25
C ARG A 283 -0.06 9.59 38.50
N ALA A 284 -0.83 9.13 37.52
CA ALA A 284 -1.47 7.83 37.57
C ALA A 284 -0.70 6.79 36.75
N GLN A 285 -1.11 5.53 36.84
CA GLN A 285 -0.60 4.45 36.01
C GLN A 285 -1.70 4.07 35.03
N LEU A 286 -1.31 3.65 33.81
CA LEU A 286 -2.27 3.26 32.77
C LEU A 286 -3.29 2.22 33.23
N ASP A 287 -2.85 1.26 34.04
CA ASP A 287 -3.75 0.20 34.52
C ASP A 287 -4.90 0.78 35.38
N GLN A 288 -4.69 1.94 35.97
CA GLN A 288 -5.78 2.57 36.76
C GLN A 288 -6.87 3.13 35.84
N LEU A 289 -6.53 3.33 34.57
CA LEU A 289 -7.49 3.85 33.60
C LEU A 289 -8.11 2.74 32.76
N ALA A 290 -7.81 1.48 33.11
CA ALA A 290 -8.24 0.33 32.30
C ALA A 290 -9.75 0.14 32.25
N GLY A 291 -10.24 -0.30 31.08
CA GLY A 291 -11.67 -0.50 30.88
C GLY A 291 -12.01 -1.95 30.59
N GLY A 292 -13.26 -2.18 30.25
CA GLY A 292 -13.73 -3.51 29.92
C GLY A 292 -14.73 -3.42 28.79
N ASP A 293 -15.75 -4.28 28.84
CA ASP A 293 -16.79 -4.25 27.84
C ASP A 293 -17.76 -3.07 28.06
N ALA A 294 -18.77 -2.98 27.21
CA ALA A 294 -19.71 -1.85 27.24
C ALA A 294 -20.39 -1.72 28.61
N GLN A 295 -20.88 -2.84 29.16
CA GLN A 295 -21.53 -2.81 30.48
C GLN A 295 -20.57 -2.32 31.56
N ALA A 296 -19.36 -2.84 31.56
CA ALA A 296 -18.33 -2.38 32.48
C ALA A 296 -17.99 -0.88 32.31
N ASN A 297 -17.80 -0.44 31.07
CA ASN A 297 -17.45 0.96 30.85
C ASN A 297 -18.61 1.91 31.16
N ALA A 298 -19.82 1.44 30.96
CA ALA A 298 -21.02 2.17 31.33
C ALA A 298 -21.09 2.33 32.85
N ALA A 299 -20.72 1.27 33.58
CA ALA A 299 -20.66 1.33 35.05
C ALA A 299 -19.60 2.35 35.50
N ALA A 300 -18.50 2.41 34.75
CA ALA A 300 -17.46 3.36 35.06
C ALA A 300 -17.93 4.82 34.84
N VAL A 301 -18.79 5.05 33.84
CA VAL A 301 -19.38 6.38 33.61
C VAL A 301 -20.25 6.77 34.84
N ARG A 302 -21.15 5.88 35.23
CA ARG A 302 -22.03 6.17 36.36
CA ARG A 302 -22.04 6.11 36.38
C ARG A 302 -21.22 6.43 37.61
N ALA A 303 -20.17 5.64 37.85
CA ALA A 303 -19.30 5.86 39.01
C ALA A 303 -18.72 7.27 39.04
N VAL A 304 -18.15 7.70 37.90
CA VAL A 304 -17.54 9.03 37.80
C VAL A 304 -18.59 10.13 37.98
N LEU A 305 -19.72 9.99 37.31
CA LEU A 305 -20.73 11.04 37.37
C LEU A 305 -21.44 11.12 38.74
N GLY A 306 -21.36 10.01 39.50
CA GLY A 306 -21.90 9.93 40.86
C GLY A 306 -20.96 10.60 41.84
N GLY A 307 -19.77 10.96 41.41
CA GLY A 307 -18.81 11.64 42.28
C GLY A 307 -17.66 10.81 42.82
N ALA A 308 -17.47 9.57 42.38
CA ALA A 308 -16.32 8.76 42.82
C ALA A 308 -14.96 9.43 42.51
N ARG A 309 -14.09 9.56 43.51
CA ARG A 309 -12.82 10.25 43.31
C ARG A 309 -11.78 9.23 42.89
N GLY A 310 -10.70 9.70 42.29
CA GLY A 310 -9.69 8.77 41.80
C GLY A 310 -9.19 9.03 40.38
N PRO A 311 -8.27 8.19 39.91
CA PRO A 311 -7.58 8.45 38.65
C PRO A 311 -8.52 8.63 37.43
N VAL A 312 -9.64 7.89 37.38
CA VAL A 312 -10.59 7.96 36.25
C VAL A 312 -11.26 9.36 36.22
N ARG A 313 -11.78 9.79 37.37
CA ARG A 313 -12.31 11.15 37.47
C ARG A 313 -11.30 12.20 37.05
N ASP A 314 -10.07 12.10 37.58
CA ASP A 314 -9.02 13.02 37.25
C ASP A 314 -8.82 13.15 35.74
N ALA A 315 -8.85 12.02 35.05
CA ALA A 315 -8.61 12.02 33.59
C ALA A 315 -9.80 12.65 32.86
N VAL A 316 -11.01 12.35 33.35
CA VAL A 316 -12.23 12.91 32.79
C VAL A 316 -12.22 14.44 32.94
N VAL A 317 -11.84 14.93 34.13
CA VAL A 317 -11.83 16.39 34.42
C VAL A 317 -10.79 17.11 33.57
N LEU A 318 -9.63 16.48 33.45
CA LEU A 318 -8.57 16.99 32.60
C LEU A 318 -9.06 17.16 31.15
N ASN A 319 -9.67 16.13 30.60
CA ASN A 319 -10.13 16.18 29.20
C ASN A 319 -11.32 17.12 29.01
N ALA A 320 -12.22 17.16 29.98
CA ALA A 320 -13.36 18.05 29.92
C ALA A 320 -12.87 19.48 29.93
N ALA A 321 -11.88 19.80 30.77
CA ALA A 321 -11.30 21.13 30.87
C ALA A 321 -10.63 21.52 29.53
N GLY A 322 -9.91 20.58 28.93
CA GLY A 322 -9.33 20.76 27.60
C GLY A 322 -10.34 21.19 26.58
N ALA A 323 -11.51 20.55 26.56
CA ALA A 323 -12.56 20.95 25.61
C ALA A 323 -13.15 22.33 25.88
N ILE A 324 -13.24 22.68 27.18
CA ILE A 324 -13.71 23.99 27.60
C ILE A 324 -12.70 25.06 27.18
N VAL A 325 -11.41 24.76 27.30
CA VAL A 325 -10.36 25.67 26.79
C VAL A 325 -10.51 25.86 25.27
N ALA A 326 -10.78 24.79 24.54
CA ALA A 326 -10.97 24.89 23.08
C ALA A 326 -12.15 25.82 22.76
N HIS A 327 -13.26 25.62 23.46
CA HIS A 327 -14.45 26.47 23.37
C HIS A 327 -14.16 27.94 23.71
N ALA A 328 -13.36 28.17 24.75
CA ALA A 328 -12.98 29.51 25.18
C ALA A 328 -12.23 30.21 24.04
N GLY A 329 -11.49 29.43 23.24
CA GLY A 329 -10.75 29.92 22.09
C GLY A 329 -11.58 30.55 20.99
N LEU A 330 -12.86 30.33 21.00
CA LEU A 330 -13.71 30.86 19.99
C LEU A 330 -13.94 32.34 20.14
N SER A 331 -14.65 32.73 21.16
CA SER A 331 -14.92 34.10 21.53
C SER A 331 -13.98 34.37 22.67
N SER A 332 -12.80 34.86 22.33
CA SER A 332 -11.62 34.69 23.13
C SER A 332 -11.30 35.81 24.12
N ALA A 334 -10.01 34.92 27.28
CA ALA A 334 -8.99 34.26 28.11
C ALA A 334 -7.70 33.79 27.43
N GLU A 335 -6.63 33.97 28.20
CA GLU A 335 -5.34 33.44 27.88
C GLU A 335 -5.25 32.00 28.37
N TRP A 336 -4.25 31.28 27.86
CA TRP A 336 -4.04 29.85 28.10
C TRP A 336 -4.20 29.42 29.56
N LEU A 337 -3.37 29.95 30.47
CA LEU A 337 -3.42 29.47 31.87
C LEU A 337 -4.75 29.76 32.59
N PRO A 338 -5.22 31.03 32.56
CA PRO A 338 -6.52 31.32 33.18
C PRO A 338 -7.65 30.44 32.57
N ALA A 339 -7.63 30.20 31.25
CA ALA A 339 -8.63 29.35 30.59
C ALA A 339 -8.61 27.92 31.14
N TRP A 340 -7.40 27.39 31.36
CA TRP A 340 -7.26 26.07 31.94
C TRP A 340 -7.78 26.06 33.37
N GLU A 341 -7.44 27.10 34.14
CA GLU A 341 -7.90 27.15 35.54
C GLU A 341 -9.43 27.14 35.62
N GLU A 342 -10.06 27.94 34.77
CA GLU A 342 -11.51 28.03 34.69
C GLU A 342 -12.15 26.76 34.14
N GLY A 343 -11.52 26.14 33.12
CA GLY A 343 -12.02 24.88 32.57
C GLY A 343 -12.01 23.79 33.64
N LEU A 344 -10.95 23.74 34.44
CA LEU A 344 -10.84 22.74 35.50
C LEU A 344 -11.89 22.97 36.61
N ARG A 345 -12.15 24.23 36.93
CA ARG A 345 -13.18 24.62 37.92
CA ARG A 345 -13.17 24.58 37.93
C ARG A 345 -14.56 24.17 37.44
N ARG A 346 -14.89 24.50 36.19
CA ARG A 346 -16.20 24.19 35.63
C ARG A 346 -16.47 22.69 35.44
N ALA A 347 -15.47 21.97 34.91
CA ALA A 347 -15.53 20.52 34.81
C ALA A 347 -15.77 19.85 36.17
N SER A 348 -14.96 20.19 37.18
CA SER A 348 -15.15 19.57 38.50
C SER A 348 -16.53 19.89 39.09
N ALA A 349 -16.95 21.16 38.94
CA ALA A 349 -18.24 21.59 39.47
C ALA A 349 -19.40 20.90 38.76
N ALA A 350 -19.26 20.66 37.45
CA ALA A 350 -20.32 19.96 36.72
C ALA A 350 -20.53 18.53 37.27
N ILE A 351 -19.45 17.90 37.69
CA ILE A 351 -19.59 16.60 38.38
C ILE A 351 -20.11 16.79 39.83
N ASP A 352 -19.46 17.63 40.60
CA ASP A 352 -19.73 17.71 42.05
C ASP A 352 -21.15 18.20 42.41
N THR A 353 -21.73 19.04 41.55
CA THR A 353 -23.08 19.58 41.76
C THR A 353 -24.15 18.64 41.23
N GLY A 354 -23.71 17.51 40.65
CA GLY A 354 -24.65 16.56 40.06
C GLY A 354 -25.12 16.91 38.66
N ALA A 355 -24.69 18.03 38.11
CA ALA A 355 -25.15 18.48 36.79
C ALA A 355 -24.88 17.41 35.71
N ALA A 356 -23.72 16.78 35.76
CA ALA A 356 -23.39 15.79 34.71
C ALA A 356 -24.28 14.54 34.83
N GLU A 357 -24.45 14.05 36.06
CA GLU A 357 -25.38 12.92 36.30
C GLU A 357 -26.77 13.25 35.82
N GLN A 358 -27.22 14.46 36.16
CA GLN A 358 -28.54 14.91 35.80
C GLN A 358 -28.72 15.04 34.31
N LEU A 359 -27.68 15.51 33.63
CA LEU A 359 -27.76 15.71 32.17
C LEU A 359 -27.82 14.36 31.43
N LEU A 360 -27.00 13.40 31.84
CA LEU A 360 -27.09 12.03 31.29
C LEU A 360 -28.50 11.44 31.45
N ALA A 361 -29.06 11.56 32.66
CA ALA A 361 -30.45 11.13 32.88
C ALA A 361 -31.42 11.82 31.92
N ARG A 362 -31.23 13.12 31.73
CA ARG A 362 -32.07 13.89 30.84
C ARG A 362 -31.90 13.41 29.38
N TRP A 363 -30.66 13.12 29.00
CA TRP A 363 -30.37 12.60 27.66
C TRP A 363 -31.05 11.25 27.37
N VAL A 364 -30.99 10.34 28.34
CA VAL A 364 -31.66 9.05 28.27
C VAL A 364 -33.20 9.22 28.13
N ARG A 365 -33.80 10.09 28.95
CA ARG A 365 -35.24 10.38 28.90
C ARG A 365 -35.62 10.91 27.52
N PHE A 366 -34.83 11.85 27.01
CA PHE A 366 -35.11 12.45 25.70
C PHE A 366 -35.28 11.37 24.63
N GLY A 367 -34.33 10.43 24.61
CA GLY A 367 -34.31 9.33 23.65
C GLY A 367 -35.49 8.39 23.81
N ARG A 368 -35.94 8.20 25.05
CA ARG A 368 -37.09 7.32 25.32
C ARG A 368 -38.43 7.98 25.01
N GLN A 369 -38.46 9.31 25.01
CA GLN A 369 -39.68 10.02 24.67
C GLN A 369 -39.87 10.25 23.15
N ILE A 370 -39.10 9.56 22.32
CA ILE A 370 -39.26 9.70 20.87
C ILE A 370 -40.29 8.70 20.30
N SER B 23 4.68 -15.20 15.37
CA SER B 23 3.38 -15.90 15.20
C SER B 23 2.30 -15.32 16.13
N VAL B 24 1.02 -15.64 15.91
CA VAL B 24 0.53 -16.26 14.66
C VAL B 24 0.38 -15.13 13.61
N PRO B 25 0.66 -15.42 12.32
CA PRO B 25 0.69 -14.32 11.34
C PRO B 25 -0.68 -13.78 10.98
N SER B 26 -0.75 -12.50 10.67
CA SER B 26 -1.99 -11.91 10.21
C SER B 26 -1.66 -10.68 9.37
N TRP B 27 -2.66 -10.24 8.63
CA TRP B 27 -2.49 -9.01 7.86
C TRP B 27 -2.14 -7.80 8.69
N PRO B 28 -2.91 -7.51 9.79
CA PRO B 28 -2.50 -6.34 10.58
C PRO B 28 -1.07 -6.41 11.04
N GLN B 29 -0.62 -7.60 11.41
CA GLN B 29 0.75 -7.73 11.89
C GLN B 29 1.76 -7.43 10.79
N ILE B 30 1.58 -8.11 9.65
CA ILE B 30 2.56 -8.05 8.56
C ILE B 30 2.53 -6.66 7.91
N LEU B 31 1.32 -6.16 7.60
CA LEU B 31 1.19 -4.82 7.02
C LEU B 31 1.71 -3.71 7.95
N GLY B 32 1.48 -3.91 9.26
CA GLY B 32 1.94 -2.92 10.24
C GLY B 32 3.42 -2.87 10.29
N ARG B 33 4.06 -4.04 10.16
CA ARG B 33 5.54 -4.10 10.18
C ARG B 33 6.11 -3.36 8.96
N LEU B 34 5.50 -3.62 7.82
CA LEU B 34 5.89 -2.94 6.56
C LEU B 34 5.65 -1.43 6.60
N THR B 35 4.48 -0.99 7.08
CA THR B 35 4.26 0.47 7.15
C THR B 35 5.20 1.17 8.16
N ASP B 36 5.68 0.42 9.15
CA ASP B 36 6.69 0.90 10.11
CA ASP B 36 6.68 0.91 10.10
C ASP B 36 8.07 0.87 9.47
N ASN B 37 8.12 0.55 8.19
CA ASN B 37 9.38 0.46 7.44
C ASN B 37 10.36 -0.58 7.96
N ARG B 38 9.82 -1.67 8.49
CA ARG B 38 10.65 -2.78 8.96
C ARG B 38 10.68 -3.96 7.98
N ASP B 39 11.84 -4.59 7.84
CA ASP B 39 11.92 -5.89 7.15
C ASP B 39 11.06 -6.90 7.88
N LEU B 40 10.44 -7.81 7.13
CA LEU B 40 9.61 -8.84 7.74
C LEU B 40 10.46 -9.88 8.51
N ALA B 41 9.83 -10.53 9.48
CA ALA B 41 10.37 -11.79 10.04
C ALA B 41 10.34 -12.90 8.99
N ARG B 42 11.27 -13.85 9.13
CA ARG B 42 11.30 -15.07 8.34
C ARG B 42 9.92 -15.67 8.37
N GLY B 43 9.40 -16.05 7.19
CA GLY B 43 8.12 -16.72 7.12
C GLY B 43 6.90 -15.84 6.85
N GLN B 44 7.00 -14.55 7.14
CA GLN B 44 5.82 -13.70 6.99
C GLN B 44 5.44 -13.51 5.51
N ALA B 45 6.44 -13.22 4.67
CA ALA B 45 6.20 -13.10 3.21
C ALA B 45 5.58 -14.38 2.68
N ALA B 46 6.10 -15.53 3.13
CA ALA B 46 5.57 -16.83 2.67
C ALA B 46 4.12 -17.02 3.09
N TRP B 47 3.79 -16.62 4.32
CA TRP B 47 2.39 -16.71 4.78
C TRP B 47 1.51 -15.83 3.90
N ALA B 48 1.97 -14.62 3.60
CA ALA B 48 1.17 -13.70 2.78
C ALA B 48 0.94 -14.31 1.39
N MET B 49 2.00 -14.83 0.79
CA MET B 49 1.87 -15.45 -0.52
C MET B 49 0.97 -16.68 -0.53
N ASP B 50 0.97 -17.45 0.56
CA ASP B 50 0.04 -18.58 0.70
CA ASP B 50 0.09 -18.59 0.74
C ASP B 50 -1.37 -18.17 0.72
N GLN B 51 -1.72 -17.12 1.46
CA GLN B 51 -3.07 -16.56 1.42
C GLN B 51 -3.44 -16.16 -0.01
N ILE B 52 -2.51 -15.49 -0.69
CA ILE B 52 -2.77 -14.96 -2.03
C ILE B 52 -3.02 -16.12 -3.00
N MET B 53 -2.17 -17.15 -2.92
CA MET B 53 -2.19 -18.21 -3.93
C MET B 53 -3.36 -19.18 -3.73
N THR B 54 -3.90 -19.22 -2.51
CA THR B 54 -5.02 -20.12 -2.22
C THR B 54 -6.38 -19.45 -2.40
N GLY B 55 -6.38 -18.20 -2.85
CA GLY B 55 -7.63 -17.45 -2.97
C GLY B 55 -8.22 -16.98 -1.63
N ASN B 56 -7.44 -17.04 -0.56
CA ASN B 56 -7.92 -16.55 0.74
C ASN B 56 -7.66 -15.07 1.03
N ALA B 57 -6.87 -14.41 0.20
CA ALA B 57 -6.59 -12.98 0.43
C ALA B 57 -7.62 -12.14 -0.32
N ARG B 58 -8.27 -11.22 0.41
CA ARG B 58 -9.13 -10.21 -0.21
C ARG B 58 -8.27 -9.33 -1.14
N PRO B 59 -8.84 -8.85 -2.24
CA PRO B 59 -8.14 -7.94 -3.14
C PRO B 59 -7.50 -6.76 -2.40
N ALA B 60 -8.20 -6.20 -1.40
CA ALA B 60 -7.64 -5.10 -0.59
C ALA B 60 -6.36 -5.50 0.16
N GLN B 61 -6.34 -6.72 0.71
CA GLN B 61 -5.17 -7.27 1.39
C GLN B 61 -4.03 -7.48 0.41
N ILE B 62 -4.34 -8.02 -0.77
CA ILE B 62 -3.30 -8.24 -1.81
C ILE B 62 -2.66 -6.91 -2.20
N ALA B 63 -3.50 -5.92 -2.49
CA ALA B 63 -3.00 -4.61 -2.88
C ALA B 63 -2.23 -3.91 -1.77
N ALA B 64 -2.75 -3.94 -0.54
CA ALA B 64 -2.03 -3.37 0.59
C ALA B 64 -0.61 -3.97 0.75
N PHE B 65 -0.54 -5.29 0.65
CA PHE B 65 0.73 -6.00 0.77
C PHE B 65 1.72 -5.61 -0.35
N ALA B 66 1.23 -5.64 -1.59
CA ALA B 66 2.06 -5.32 -2.77
C ALA B 66 2.63 -3.91 -2.62
N VAL B 67 1.77 -2.97 -2.24
CA VAL B 67 2.22 -1.58 -2.13
C VAL B 67 3.18 -1.44 -0.95
N ALA B 68 2.79 -1.99 0.21
CA ALA B 68 3.59 -1.79 1.43
C ALA B 68 5.00 -2.41 1.28
N MET B 69 5.07 -3.57 0.66
CA MET B 69 6.36 -4.21 0.43
C MET B 69 7.25 -3.38 -0.50
N THR B 70 6.63 -2.77 -1.52
CA THR B 70 7.34 -1.94 -2.48
C THR B 70 7.93 -0.70 -1.81
N MET B 71 7.11 0.02 -1.04
CA MET B 71 7.57 1.24 -0.41
C MET B 71 8.52 1.03 0.77
N LYS B 72 8.41 -0.10 1.45
CA LYS B 72 9.42 -0.46 2.45
C LYS B 72 10.77 -0.78 1.76
N ALA B 73 10.70 -1.39 0.59
CA ALA B 73 11.86 -1.91 -0.19
C ALA B 73 12.17 -3.37 0.17
N PRO B 74 11.73 -4.28 -0.70
CA PRO B 74 11.79 -5.70 -0.40
C PRO B 74 13.23 -6.19 -0.32
N THR B 75 13.46 -7.22 0.46
CA THR B 75 14.77 -7.88 0.49
C THR B 75 14.74 -9.16 -0.36
N ALA B 76 15.92 -9.70 -0.65
CA ALA B 76 16.01 -10.90 -1.46
C ALA B 76 15.38 -12.08 -0.71
N ASP B 77 15.54 -12.11 0.62
CA ASP B 77 14.90 -13.16 1.40
C ASP B 77 13.38 -13.09 1.27
N GLU B 78 12.82 -11.88 1.32
CA GLU B 78 11.35 -11.74 1.24
C GLU B 78 10.82 -12.17 -0.14
N VAL B 79 11.47 -11.68 -1.18
CA VAL B 79 11.05 -12.01 -2.54
C VAL B 79 11.23 -13.52 -2.82
N GLY B 80 12.30 -14.11 -2.27
CA GLY B 80 12.56 -15.56 -2.39
C GLY B 80 11.43 -16.37 -1.80
N GLU B 81 10.88 -15.87 -0.67
CA GLU B 81 9.70 -16.52 -0.08
C GLU B 81 8.48 -16.44 -0.98
N LEU B 82 8.24 -15.26 -1.54
CA LEU B 82 7.11 -15.09 -2.47
C LEU B 82 7.22 -16.04 -3.68
N ALA B 83 8.38 -16.03 -4.30
CA ALA B 83 8.63 -16.81 -5.51
C ALA B 83 8.57 -18.31 -5.20
N GLY B 84 9.10 -18.72 -4.04
CA GLY B 84 9.08 -20.16 -3.68
C GLY B 84 7.67 -20.68 -3.44
N VAL B 85 6.87 -19.91 -2.72
CA VAL B 85 5.48 -20.27 -2.57
C VAL B 85 4.73 -20.29 -3.94
N MET B 86 4.87 -19.23 -4.72
CA MET B 86 4.34 -19.23 -6.07
C MET B 86 4.73 -20.49 -6.88
N LEU B 87 6.02 -20.81 -6.89
CA LEU B 87 6.51 -22.00 -7.63
C LEU B 87 5.88 -23.29 -7.15
N SER B 88 5.62 -23.40 -5.84
CA SER B 88 4.98 -24.59 -5.31
C SER B 88 3.56 -24.81 -5.84
N HIS B 89 2.88 -23.73 -6.26
CA HIS B 89 1.56 -23.89 -6.89
C HIS B 89 1.57 -23.99 -8.43
N ALA B 90 2.74 -23.82 -9.06
CA ALA B 90 2.81 -23.89 -10.53
C ALA B 90 2.73 -25.33 -11.06
N HIS B 91 2.31 -25.48 -12.30
CA HIS B 91 2.41 -26.77 -12.99
C HIS B 91 3.89 -26.98 -13.34
N PRO B 92 4.45 -28.12 -12.92
CA PRO B 92 5.81 -28.45 -13.28
C PRO B 92 5.87 -29.13 -14.66
N LEU B 93 7.05 -29.08 -15.28
CA LEU B 93 7.32 -29.92 -16.44
C LEU B 93 7.55 -31.36 -15.96
N PRO B 94 7.27 -32.36 -16.84
CA PRO B 94 7.46 -33.76 -16.43
C PRO B 94 8.89 -34.01 -16.00
N ALA B 95 9.08 -35.00 -15.14
CA ALA B 95 10.42 -35.37 -14.66
C ALA B 95 11.36 -35.67 -15.84
N ASP B 96 12.63 -35.26 -15.68
CA ASP B 96 13.73 -35.49 -16.62
C ASP B 96 13.48 -35.02 -18.04
N THR B 97 12.91 -33.81 -18.17
CA THR B 97 12.64 -33.24 -19.50
C THR B 97 13.31 -31.89 -19.70
N VAL B 98 13.96 -31.38 -18.67
CA VAL B 98 14.63 -30.09 -18.78
C VAL B 98 16.12 -30.32 -18.66
N PRO B 99 16.90 -29.98 -19.71
CA PRO B 99 18.33 -30.19 -19.58
C PRO B 99 18.91 -29.46 -18.38
N ASP B 100 19.94 -30.04 -17.77
CA ASP B 100 20.70 -29.42 -16.69
C ASP B 100 21.18 -28.00 -16.99
N ASP B 101 21.46 -27.75 -18.26
CA ASP B 101 22.05 -26.50 -18.70
C ASP B 101 21.07 -25.62 -19.45
N ALA B 102 19.77 -25.78 -19.21
CA ALA B 102 18.75 -24.93 -19.88
C ALA B 102 18.84 -23.48 -19.40
N VAL B 103 18.45 -22.55 -20.26
CA VAL B 103 18.60 -21.11 -19.93
C VAL B 103 17.27 -20.40 -20.22
N ASP B 104 16.99 -19.32 -19.47
CA ASP B 104 15.82 -18.44 -19.75
C ASP B 104 16.37 -17.11 -20.27
N VAL B 105 15.59 -16.39 -21.07
CA VAL B 105 15.88 -14.98 -21.47
C VAL B 105 14.55 -14.25 -21.34
N VAL B 106 14.47 -13.37 -20.35
CA VAL B 106 13.16 -12.74 -20.05
C VAL B 106 13.38 -11.57 -19.12
N GLY B 107 12.49 -10.57 -19.20
CA GLY B 107 12.55 -9.47 -18.25
C GLY B 107 11.22 -9.16 -17.60
N THR B 108 11.25 -8.20 -16.68
CA THR B 108 10.05 -7.71 -16.01
C THR B 108 9.12 -7.02 -16.98
N GLY B 109 9.67 -6.47 -18.08
CA GLY B 109 8.91 -5.54 -18.90
C GLY B 109 8.67 -4.27 -18.09
N GLY B 110 7.82 -3.38 -18.60
CA GLY B 110 7.52 -2.12 -17.92
C GLY B 110 8.58 -1.03 -18.06
N ASP B 111 9.46 -1.14 -19.05
CA ASP B 111 10.47 -0.10 -19.22
C ASP B 111 9.92 1.14 -19.95
N GLY B 112 8.70 1.04 -20.46
CA GLY B 112 7.98 2.18 -21.05
C GLY B 112 8.63 2.72 -22.31
N VAL B 113 9.59 1.97 -22.87
CA VAL B 113 10.19 2.29 -24.17
C VAL B 113 9.58 1.36 -25.20
N ASN B 114 9.14 1.89 -26.32
CA ASN B 114 8.58 1.04 -27.35
C ASN B 114 9.75 0.32 -28.09
N THR B 115 9.99 -0.96 -27.78
CA THR B 115 11.03 -1.72 -28.53
C THR B 115 10.49 -2.95 -29.24
N VAL B 116 11.27 -3.44 -30.19
CA VAL B 116 11.09 -4.78 -30.72
C VAL B 116 11.29 -5.77 -29.55
N ASN B 117 10.87 -7.02 -29.73
CA ASN B 117 10.95 -8.00 -28.65
C ASN B 117 12.33 -8.62 -28.55
N LEU B 118 13.21 -7.91 -27.86
CA LEU B 118 14.61 -8.27 -27.83
C LEU B 118 14.86 -9.61 -27.12
N SER B 119 14.11 -9.86 -26.04
CA SER B 119 14.32 -11.12 -25.27
C SER B 119 13.93 -12.31 -26.10
N THR B 120 12.79 -12.20 -26.76
CA THR B 120 12.22 -13.29 -27.53
C THR B 120 13.13 -13.59 -28.74
N MET B 121 13.59 -12.54 -29.41
CA MET B 121 14.57 -12.72 -30.50
C MET B 121 15.86 -13.39 -30.07
N ALA B 122 16.45 -12.90 -28.98
CA ALA B 122 17.67 -13.46 -28.45
C ALA B 122 17.47 -14.92 -28.07
N ALA B 123 16.31 -15.24 -27.49
CA ALA B 123 16.01 -16.62 -27.09
C ALA B 123 16.07 -17.58 -28.28
N ILE B 124 15.46 -17.19 -29.40
CA ILE B 124 15.52 -18.00 -30.63
C ILE B 124 16.98 -18.21 -31.09
N VAL B 125 17.76 -17.13 -31.08
CA VAL B 125 19.18 -17.19 -31.51
C VAL B 125 20.01 -18.08 -30.55
N VAL B 126 19.82 -17.91 -29.25
CA VAL B 126 20.50 -18.72 -28.26
C VAL B 126 20.20 -20.21 -28.46
N ALA B 127 18.93 -20.53 -28.68
CA ALA B 127 18.52 -21.93 -28.89
C ALA B 127 19.18 -22.49 -30.15
N ALA B 128 19.24 -21.66 -31.19
CA ALA B 128 19.80 -22.07 -32.47
C ALA B 128 21.32 -22.23 -32.42
N ALA B 129 21.94 -21.60 -31.42
CA ALA B 129 23.35 -21.83 -31.14
C ALA B 129 23.62 -23.12 -30.35
N GLY B 130 22.56 -23.86 -30.01
CA GLY B 130 22.72 -25.17 -29.37
C GLY B 130 22.54 -25.15 -27.87
N VAL B 131 22.08 -24.03 -27.32
CA VAL B 131 21.82 -23.93 -25.87
C VAL B 131 20.32 -24.12 -25.65
N PRO B 132 19.92 -25.16 -24.88
CA PRO B 132 18.47 -25.39 -24.71
C PRO B 132 17.85 -24.17 -24.03
N VAL B 133 16.70 -23.70 -24.54
CA VAL B 133 16.03 -22.53 -23.97
C VAL B 133 14.65 -22.92 -23.50
N VAL B 134 14.37 -22.67 -22.23
CA VAL B 134 13.00 -22.82 -21.79
C VAL B 134 12.54 -21.45 -21.29
N LYS B 135 11.76 -20.81 -22.13
CA LYS B 135 11.44 -19.41 -21.95
C LYS B 135 10.09 -19.23 -21.27
N HIS B 136 10.07 -18.39 -20.24
CA HIS B 136 8.85 -18.00 -19.53
C HIS B 136 8.50 -16.64 -20.12
N GLY B 137 7.20 -16.33 -20.18
CA GLY B 137 6.77 -15.03 -20.70
C GLY B 137 5.27 -14.86 -20.64
N ASN B 138 4.81 -13.73 -21.15
CA ASN B 138 3.42 -13.37 -21.05
C ASN B 138 3.09 -12.34 -22.14
N ARG B 139 1.81 -12.07 -22.34
CA ARG B 139 1.39 -11.00 -23.25
C ARG B 139 1.86 -9.61 -22.77
N ALA B 140 1.67 -8.59 -23.60
CA ALA B 140 2.01 -7.22 -23.22
C ALA B 140 1.18 -6.81 -21.99
N ALA B 141 1.79 -6.02 -21.10
CA ALA B 141 1.06 -5.37 -20.02
C ALA B 141 0.92 -3.88 -20.35
N SER B 142 2.01 -3.22 -20.72
CA SER B 142 1.94 -1.81 -21.13
C SER B 142 2.51 -1.55 -22.53
N SER B 143 3.29 -2.48 -23.07
CA SER B 143 3.91 -2.31 -24.38
C SER B 143 2.89 -2.60 -25.50
N LEU B 144 3.25 -2.35 -26.75
CA LEU B 144 2.32 -2.61 -27.85
C LEU B 144 2.24 -4.09 -28.22
N SER B 145 3.31 -4.82 -27.91
CA SER B 145 3.33 -6.26 -28.16
C SER B 145 4.36 -6.92 -27.23
N GLY B 146 3.94 -7.91 -26.47
CA GLY B 146 4.89 -8.64 -25.62
C GLY B 146 5.47 -9.84 -26.34
N GLY B 147 6.38 -10.56 -25.68
CA GLY B 147 6.99 -11.74 -26.31
C GLY B 147 5.94 -12.71 -26.75
N ALA B 148 4.96 -12.97 -25.87
CA ALA B 148 3.91 -13.93 -26.17
C ALA B 148 3.05 -13.54 -27.40
N ASP B 149 2.69 -12.25 -27.47
CA ASP B 149 1.93 -11.69 -28.61
C ASP B 149 2.71 -11.85 -29.92
N THR B 150 3.99 -11.54 -29.89
CA THR B 150 4.82 -11.59 -31.09
C THR B 150 4.99 -13.05 -31.52
N LEU B 151 5.23 -13.95 -30.56
CA LEU B 151 5.39 -15.37 -30.90
C LEU B 151 4.12 -15.87 -31.56
N GLU B 152 2.98 -15.51 -30.98
CA GLU B 152 1.69 -15.84 -31.57
C GLU B 152 1.54 -15.34 -33.03
N ALA B 153 1.97 -14.11 -33.28
CA ALA B 153 1.94 -13.55 -34.65
C ALA B 153 2.82 -14.32 -35.65
N LEU B 154 3.88 -14.97 -35.15
CA LEU B 154 4.81 -15.74 -35.97
C LEU B 154 4.26 -17.14 -36.23
N GLY B 155 3.13 -17.46 -35.58
CA GLY B 155 2.53 -18.79 -35.74
C GLY B 155 3.00 -19.85 -34.76
N VAL B 156 3.78 -19.43 -33.76
CA VAL B 156 4.23 -20.29 -32.66
C VAL B 156 3.08 -20.47 -31.65
N ARG B 157 2.83 -21.70 -31.20
CA ARG B 157 1.74 -21.96 -30.28
C ARG B 157 2.18 -21.56 -28.89
N ILE B 158 1.48 -20.61 -28.29
CA ILE B 158 1.86 -20.16 -26.93
C ILE B 158 1.06 -20.82 -25.82
N ASP B 159 0.09 -21.65 -26.20
CA ASP B 159 -0.89 -22.22 -25.27
C ASP B 159 -0.57 -23.65 -24.80
N LEU B 160 0.67 -24.10 -24.87
CA LEU B 160 0.94 -25.50 -24.59
C LEU B 160 1.15 -25.77 -23.09
N GLY B 161 0.60 -26.89 -22.62
CA GLY B 161 0.83 -27.32 -21.24
C GLY B 161 2.18 -28.02 -21.04
N PRO B 162 2.45 -28.50 -19.81
CA PRO B 162 3.77 -29.07 -19.47
C PRO B 162 4.31 -30.17 -20.42
N ASP B 163 3.47 -31.13 -20.80
CA ASP B 163 3.92 -32.26 -21.61
C ASP B 163 4.43 -31.79 -23.00
N LEU B 164 3.70 -30.89 -23.61
CA LEU B 164 4.02 -30.40 -24.95
C LEU B 164 5.17 -29.39 -24.93
N VAL B 165 5.33 -28.60 -23.86
CA VAL B 165 6.51 -27.72 -23.77
C VAL B 165 7.79 -28.57 -23.66
N ALA B 166 7.71 -29.64 -22.86
CA ALA B 166 8.78 -30.61 -22.73
C ALA B 166 9.13 -31.25 -24.09
N ARG B 167 8.11 -31.63 -24.87
CA ARG B 167 8.33 -32.19 -26.22
C ARG B 167 8.96 -31.16 -27.14
N SER B 168 8.49 -29.92 -27.04
CA SER B 168 9.03 -28.83 -27.82
C SER B 168 10.50 -28.66 -27.52
N LEU B 169 10.83 -28.65 -26.23
CA LEU B 169 12.22 -28.49 -25.85
C LEU B 169 13.06 -29.64 -26.45
N ALA B 170 12.55 -30.86 -26.38
CA ALA B 170 13.27 -32.03 -26.94
C ALA B 170 13.41 -32.01 -28.46
N GLU B 171 12.32 -31.77 -29.15
CA GLU B 171 12.30 -31.88 -30.60
C GLU B 171 12.79 -30.63 -31.32
N VAL B 172 12.65 -29.47 -30.69
CA VAL B 172 13.01 -28.19 -31.33
C VAL B 172 14.24 -27.53 -30.73
N GLY B 173 14.48 -27.76 -29.44
CA GLY B 173 15.55 -27.07 -28.73
C GLY B 173 15.11 -25.80 -28.01
N ILE B 174 13.82 -25.47 -28.07
CA ILE B 174 13.31 -24.34 -27.31
C ILE B 174 11.89 -24.67 -26.85
N GLY B 175 11.47 -24.18 -25.68
CA GLY B 175 10.07 -24.30 -25.29
C GLY B 175 9.61 -22.96 -24.73
N PHE B 176 8.31 -22.66 -24.84
CA PHE B 176 7.75 -21.45 -24.23
C PHE B 176 6.68 -21.76 -23.16
N CYS B 177 6.92 -21.29 -21.93
CA CYS B 177 5.95 -21.45 -20.84
C CYS B 177 5.14 -20.20 -20.70
N PHE B 178 3.86 -20.24 -21.03
CA PHE B 178 3.02 -19.05 -20.99
C PHE B 178 2.54 -18.90 -19.55
N ALA B 179 2.88 -17.79 -18.92
CA ALA B 179 2.70 -17.68 -17.47
C ALA B 179 1.27 -18.01 -16.98
N PRO B 180 0.20 -17.44 -17.61
CA PRO B 180 -1.16 -17.75 -17.10
C PRO B 180 -1.51 -19.24 -17.18
N ARG B 181 -0.90 -19.95 -18.13
CA ARG B 181 -1.13 -21.40 -18.28
C ARG B 181 -0.45 -22.17 -17.15
N PHE B 182 0.73 -21.71 -16.73
CA PHE B 182 1.50 -22.48 -15.73
C PHE B 182 1.25 -22.07 -14.28
N HIS B 183 0.73 -20.85 -14.12
CA HIS B 183 0.49 -20.24 -12.81
C HIS B 183 -0.97 -19.85 -12.60
N PRO B 184 -1.92 -20.81 -12.78
CA PRO B 184 -3.30 -20.39 -12.71
C PRO B 184 -3.71 -19.81 -11.34
N SER B 185 -3.05 -20.25 -10.25
CA SER B 185 -3.41 -19.75 -8.91
C SER B 185 -2.94 -18.31 -8.60
N TYR B 186 -2.11 -17.74 -9.48
CA TYR B 186 -1.68 -16.34 -9.38
C TYR B 186 -2.72 -15.36 -9.92
N ARG B 187 -3.84 -15.88 -10.38
CA ARG B 187 -4.82 -15.05 -11.08
C ARG B 187 -5.40 -13.91 -10.25
N HIS B 188 -5.62 -14.13 -8.94
CA HIS B 188 -6.11 -13.08 -8.00
C HIS B 188 -5.09 -11.95 -7.87
N ALA B 189 -3.83 -12.31 -7.65
CA ALA B 189 -2.75 -11.34 -7.66
C ALA B 189 -2.61 -10.58 -9.01
N ALA B 190 -2.63 -11.31 -10.13
CA ALA B 190 -2.58 -10.68 -11.46
C ALA B 190 -3.68 -9.64 -11.65
N ALA B 191 -4.90 -9.99 -11.26
CA ALA B 191 -6.02 -9.06 -11.40
C ALA B 191 -5.75 -7.77 -10.59
N VAL B 192 -5.25 -7.93 -9.37
CA VAL B 192 -4.93 -6.76 -8.52
C VAL B 192 -3.84 -5.91 -9.17
N ARG B 193 -2.79 -6.57 -9.70
CA ARG B 193 -1.72 -5.86 -10.43
C ARG B 193 -2.32 -4.93 -11.48
N ARG B 194 -3.29 -5.44 -12.26
CA ARG B 194 -3.92 -4.66 -13.35
C ARG B 194 -4.76 -3.51 -12.80
N GLU B 195 -5.54 -3.81 -11.76
CA GLU B 195 -6.40 -2.82 -11.12
C GLU B 195 -5.66 -1.62 -10.57
N ILE B 196 -4.48 -1.82 -9.99
CA ILE B 196 -3.76 -0.69 -9.42
C ILE B 196 -2.79 -0.05 -10.43
N GLY B 197 -2.40 -0.81 -11.46
CA GLY B 197 -1.57 -0.26 -12.52
C GLY B 197 -0.10 0.01 -12.14
N VAL B 198 0.14 0.53 -10.94
CA VAL B 198 1.49 0.90 -10.50
C VAL B 198 2.38 -0.36 -10.35
N PRO B 199 3.67 -0.29 -10.76
CA PRO B 199 4.66 -1.35 -10.56
C PRO B 199 4.88 -1.63 -9.07
N THR B 200 4.96 -2.90 -8.71
CA THR B 200 5.22 -3.29 -7.33
C THR B 200 6.28 -4.39 -7.29
N VAL B 201 6.55 -4.88 -6.09
CA VAL B 201 7.41 -6.05 -5.90
C VAL B 201 6.90 -7.24 -6.74
N PHE B 202 5.60 -7.34 -6.94
CA PHE B 202 5.04 -8.39 -7.77
C PHE B 202 5.53 -8.42 -9.24
N ASN B 203 5.88 -7.26 -9.79
CA ASN B 203 6.51 -7.19 -11.13
C ASN B 203 7.79 -8.02 -11.21
N LEU B 204 8.43 -8.32 -10.08
CA LEU B 204 9.66 -9.13 -10.11
C LEU B 204 9.41 -10.64 -10.28
N LEU B 205 8.17 -11.07 -10.11
CA LEU B 205 7.87 -12.50 -9.95
C LEU B 205 7.90 -13.35 -11.21
N GLY B 206 7.50 -12.79 -12.35
CA GLY B 206 7.56 -13.52 -13.62
C GLY B 206 8.93 -14.14 -13.86
N PRO B 207 9.98 -13.30 -13.96
CA PRO B 207 11.35 -13.78 -14.16
C PRO B 207 11.83 -14.79 -13.11
N LEU B 208 11.28 -14.71 -11.89
CA LEU B 208 11.69 -15.58 -10.80
C LEU B 208 10.93 -16.89 -10.69
N THR B 209 9.91 -17.09 -11.52
CA THR B 209 9.02 -18.23 -11.38
C THR B 209 8.86 -19.04 -12.67
N ASN B 210 9.90 -19.08 -13.50
CA ASN B 210 9.91 -19.97 -14.64
C ASN B 210 9.64 -21.39 -14.13
N PRO B 211 8.56 -22.03 -14.64
CA PRO B 211 8.16 -23.27 -14.01
C PRO B 211 9.04 -24.45 -14.37
N ALA B 212 9.88 -24.27 -15.40
CA ALA B 212 10.85 -25.31 -15.78
C ALA B 212 12.11 -25.19 -14.93
N ARG B 213 12.21 -24.11 -14.15
CA ARG B 213 13.36 -23.89 -13.23
C ARG B 213 14.74 -24.00 -13.87
N PRO B 214 15.00 -23.27 -14.97
CA PRO B 214 16.35 -23.39 -15.55
C PRO B 214 17.33 -22.73 -14.60
N ARG B 215 18.56 -23.22 -14.59
CA ARG B 215 19.55 -22.76 -13.62
C ARG B 215 20.40 -21.61 -14.13
N ALA B 216 20.21 -21.21 -15.40
CA ALA B 216 20.92 -20.04 -15.93
C ALA B 216 19.92 -19.09 -16.62
N GLY B 217 20.29 -17.83 -16.78
CA GLY B 217 19.38 -16.90 -17.42
C GLY B 217 19.98 -15.54 -17.70
N LEU B 218 19.37 -14.84 -18.65
CA LEU B 218 19.62 -13.42 -18.86
C LEU B 218 18.31 -12.73 -18.50
N ILE B 219 18.34 -11.97 -17.41
CA ILE B 219 17.11 -11.46 -16.78
C ILE B 219 17.12 -9.93 -16.79
N GLY B 220 16.17 -9.33 -17.52
CA GLY B 220 16.10 -7.88 -17.64
C GLY B 220 15.27 -7.25 -16.53
N CYS B 221 15.75 -6.12 -16.01
CA CYS B 221 15.02 -5.34 -14.99
C CYS B 221 14.69 -3.95 -15.50
N ALA B 222 13.40 -3.59 -15.50
CA ALA B 222 13.01 -2.22 -15.84
C ALA B 222 13.47 -1.22 -14.77
N PHE B 223 13.70 -1.71 -13.56
CA PHE B 223 14.01 -0.79 -12.47
C PHE B 223 15.29 -1.09 -11.73
N ALA B 224 16.23 -0.16 -11.87
CA ALA B 224 17.57 -0.34 -11.34
C ALA B 224 17.58 -0.59 -9.84
N ASP B 225 16.69 0.08 -9.12
CA ASP B 225 16.67 0.04 -7.65
C ASP B 225 16.41 -1.37 -7.10
N LEU B 226 15.74 -2.21 -7.89
CA LEU B 226 15.36 -3.55 -7.46
C LEU B 226 16.17 -4.69 -8.09
N ALA B 227 17.00 -4.35 -9.06
CA ALA B 227 17.82 -5.35 -9.74
C ALA B 227 18.66 -6.19 -8.78
N GLU B 228 19.19 -5.54 -7.73
CA GLU B 228 20.03 -6.22 -6.76
C GLU B 228 19.24 -7.28 -6.00
N VAL B 229 17.99 -6.98 -5.68
CA VAL B 229 17.12 -7.93 -5.00
C VAL B 229 16.88 -9.14 -5.92
N MET B 230 16.54 -8.87 -7.18
CA MET B 230 16.41 -9.93 -8.19
C MET B 230 17.65 -10.83 -8.24
N ALA B 231 18.83 -10.22 -8.29
CA ALA B 231 20.10 -10.95 -8.31
C ALA B 231 20.24 -11.84 -7.08
N GLY B 232 19.94 -11.27 -5.91
CA GLY B 232 20.01 -12.00 -4.64
C GLY B 232 19.15 -13.25 -4.63
N VAL B 233 17.97 -13.18 -5.24
CA VAL B 233 17.09 -14.37 -5.22
C VAL B 233 17.77 -15.48 -6.06
N PHE B 234 18.35 -15.09 -7.19
CA PHE B 234 19.07 -16.07 -8.05
C PHE B 234 20.32 -16.60 -7.37
N ALA B 235 20.99 -15.73 -6.61
CA ALA B 235 22.17 -16.13 -5.83
C ALA B 235 21.82 -17.20 -4.79
N ALA B 236 20.73 -17.00 -4.04
CA ALA B 236 20.29 -18.01 -3.07
C ALA B 236 20.01 -19.38 -3.72
N ARG B 237 19.65 -19.40 -5.00
CA ARG B 237 19.40 -20.64 -5.75
C ARG B 237 20.66 -21.24 -6.39
N ARG B 238 21.77 -20.51 -6.31
CA ARG B 238 23.03 -20.86 -6.99
C ARG B 238 22.86 -21.00 -8.51
N SER B 239 22.04 -20.10 -9.06
CA SER B 239 21.89 -19.99 -10.50
C SER B 239 23.04 -19.21 -11.08
N SER B 240 23.30 -19.46 -12.35
CA SER B 240 24.22 -18.65 -13.12
C SER B 240 23.43 -17.65 -13.96
N VAL B 241 23.42 -16.38 -13.55
CA VAL B 241 22.52 -15.39 -14.13
C VAL B 241 23.19 -14.02 -14.30
N LEU B 242 22.84 -13.32 -15.37
CA LEU B 242 23.17 -11.91 -15.51
C LEU B 242 21.88 -11.15 -15.43
N VAL B 243 21.71 -10.38 -14.36
CA VAL B 243 20.55 -9.51 -14.26
C VAL B 243 20.95 -8.18 -14.89
N VAL B 244 20.12 -7.65 -15.78
CA VAL B 244 20.58 -6.52 -16.58
C VAL B 244 19.63 -5.35 -16.63
N HIS B 245 20.21 -4.16 -16.69
CA HIS B 245 19.44 -2.92 -16.87
C HIS B 245 20.26 -1.98 -17.73
N GLY B 246 19.68 -1.59 -18.87
CA GLY B 246 20.33 -0.61 -19.74
C GLY B 246 20.32 0.75 -19.07
N ASP B 247 21.42 1.47 -19.15
CA ASP B 247 21.48 2.80 -18.51
C ASP B 247 20.62 3.84 -19.25
N ASP B 248 19.96 3.41 -20.32
CA ASP B 248 18.94 4.21 -21.01
C ASP B 248 17.51 3.84 -20.54
N GLY B 249 17.40 2.94 -19.57
CA GLY B 249 16.09 2.51 -19.08
C GLY B 249 15.61 1.12 -19.52
N LEU B 250 16.26 0.52 -20.52
CA LEU B 250 15.80 -0.77 -21.08
C LEU B 250 15.92 -1.93 -20.09
N ASP B 251 14.95 -2.83 -20.11
CA ASP B 251 15.07 -4.09 -19.38
C ASP B 251 15.78 -5.16 -20.24
N GLU B 252 16.85 -4.75 -20.89
CA GLU B 252 17.64 -5.60 -21.80
C GLU B 252 19.05 -5.03 -21.78
N LEU B 253 20.04 -5.78 -22.28
CA LEU B 253 21.34 -5.18 -22.57
C LEU B 253 21.11 -4.23 -23.75
N THR B 254 21.54 -2.98 -23.58
CA THR B 254 21.29 -1.95 -24.60
C THR B 254 22.50 -1.73 -25.49
N THR B 255 22.22 -1.14 -26.66
CA THR B 255 23.28 -0.70 -27.58
C THR B 255 23.38 0.82 -27.67
N THR B 256 22.44 1.53 -27.04
CA THR B 256 22.43 3.02 -27.11
C THR B 256 23.42 3.65 -26.13
N THR B 257 23.87 2.86 -25.16
CA THR B 257 24.76 3.34 -24.09
C THR B 257 25.24 2.14 -23.28
N THR B 258 25.83 2.41 -22.11
CA THR B 258 26.27 1.35 -21.19
C THR B 258 25.08 0.64 -20.52
N SER B 259 25.35 -0.52 -19.93
CA SER B 259 24.37 -1.24 -19.14
C SER B 259 24.96 -1.57 -17.77
N THR B 260 24.09 -1.70 -16.76
CA THR B 260 24.51 -2.26 -15.49
C THR B 260 24.17 -3.76 -15.44
N ILE B 261 25.14 -4.56 -15.03
CA ILE B 261 24.95 -5.99 -14.90
C ILE B 261 25.25 -6.40 -13.48
N TRP B 262 24.31 -7.10 -12.87
CA TRP B 262 24.59 -7.78 -11.61
C TRP B 262 24.86 -9.22 -11.99
N ARG B 263 26.12 -9.60 -11.91
CA ARG B 263 26.54 -10.96 -12.25
CA ARG B 263 26.56 -10.96 -12.25
C ARG B 263 26.36 -11.91 -11.07
N VAL B 264 25.57 -12.96 -11.27
CA VAL B 264 25.35 -13.97 -10.24
C VAL B 264 26.12 -15.24 -10.58
N ALA B 265 27.05 -15.59 -9.70
CA ALA B 265 27.92 -16.75 -9.88
C ALA B 265 28.37 -17.27 -8.53
N ALA B 266 28.39 -18.59 -8.37
CA ALA B 266 28.90 -19.23 -7.14
C ALA B 266 28.18 -18.73 -5.89
N GLY B 267 26.87 -18.48 -6.02
CA GLY B 267 26.03 -18.02 -4.91
C GLY B 267 26.26 -16.59 -4.47
N SER B 268 27.06 -15.83 -5.22
CA SER B 268 27.28 -14.42 -4.89
C SER B 268 27.08 -13.47 -6.08
N VAL B 269 26.84 -12.20 -5.77
CA VAL B 269 26.47 -11.19 -6.75
C VAL B 269 27.58 -10.15 -6.82
N ASP B 270 27.96 -9.73 -8.02
CA ASP B 270 28.72 -8.48 -8.14
C ASP B 270 28.22 -7.56 -9.25
N LYS B 271 28.27 -6.27 -8.99
CA LYS B 271 27.72 -5.25 -9.86
C LYS B 271 28.81 -4.76 -10.81
N LEU B 272 28.45 -4.56 -12.09
CA LEU B 272 29.38 -4.16 -13.15
C LEU B 272 28.74 -3.15 -14.07
N THR B 273 29.56 -2.23 -14.59
CA THR B 273 29.16 -1.44 -15.76
C THR B 273 29.68 -2.16 -17.00
N PHE B 274 28.82 -2.24 -18.01
CA PHE B 274 29.14 -2.97 -19.22
C PHE B 274 29.04 -1.99 -20.36
N ASP B 275 30.09 -1.96 -21.18
CA ASP B 275 30.10 -1.13 -22.39
C ASP B 275 30.25 -1.96 -23.67
N PRO B 276 29.18 -2.03 -24.50
CA PRO B 276 29.23 -2.80 -25.76
C PRO B 276 30.26 -2.27 -26.79
N ALA B 277 30.66 -0.99 -26.68
CA ALA B 277 31.72 -0.40 -27.52
C ALA B 277 33.03 -1.16 -27.43
N GLY B 278 33.31 -1.72 -26.25
CA GLY B 278 34.44 -2.63 -26.07
C GLY B 278 34.49 -3.81 -27.02
N PHE B 279 33.36 -4.14 -27.66
CA PHE B 279 33.30 -5.28 -28.60
C PHE B 279 33.07 -4.87 -30.05
N GLY B 280 33.12 -3.58 -30.31
CA GLY B 280 32.97 -3.07 -31.66
C GLY B 280 31.56 -2.64 -31.99
N PHE B 281 30.66 -2.63 -31.01
CA PHE B 281 29.31 -2.11 -31.24
C PHE B 281 29.27 -0.59 -31.32
N ALA B 282 28.67 -0.08 -32.39
CA ALA B 282 28.40 1.34 -32.53
C ALA B 282 27.23 1.74 -31.64
N ARG B 283 27.26 2.98 -31.16
CA ARG B 283 26.17 3.51 -30.35
C ARG B 283 24.97 3.72 -31.23
N ALA B 284 23.89 3.01 -30.94
CA ALA B 284 22.62 3.19 -31.63
C ALA B 284 21.76 4.26 -30.92
N GLN B 285 20.64 4.67 -31.56
CA GLN B 285 19.63 5.54 -30.94
C GLN B 285 18.42 4.69 -30.58
N LEU B 286 17.81 5.00 -29.45
CA LEU B 286 16.63 4.29 -28.97
C LEU B 286 15.57 4.13 -30.06
N ASP B 287 15.41 5.16 -30.89
CA ASP B 287 14.43 5.14 -31.96
C ASP B 287 14.68 4.02 -32.99
N GLN B 288 15.93 3.60 -33.13
CA GLN B 288 16.29 2.58 -34.11
C GLN B 288 15.78 1.18 -33.68
N LEU B 289 15.44 1.03 -32.41
CA LEU B 289 14.94 -0.24 -31.88
C LEU B 289 13.42 -0.23 -31.71
N ALA B 290 12.77 0.82 -32.21
CA ALA B 290 11.32 0.98 -31.99
C ALA B 290 10.51 -0.17 -32.57
N GLY B 291 9.47 -0.56 -31.84
CA GLY B 291 8.58 -1.64 -32.24
C GLY B 291 7.21 -1.14 -32.65
N GLY B 292 6.32 -2.06 -33.00
CA GLY B 292 4.94 -1.73 -33.31
C GLY B 292 4.04 -2.79 -32.73
N ASP B 293 2.93 -3.08 -33.41
CA ASP B 293 2.03 -4.13 -32.97
C ASP B 293 2.66 -5.53 -33.18
N ALA B 294 1.91 -6.59 -32.89
CA ALA B 294 2.45 -7.94 -32.98
C ALA B 294 2.89 -8.30 -34.42
N GLN B 295 2.07 -7.93 -35.40
CA GLN B 295 2.40 -8.16 -36.82
C GLN B 295 3.71 -7.49 -37.23
N ALA B 296 3.88 -6.25 -36.80
CA ALA B 296 5.10 -5.49 -37.09
C ALA B 296 6.34 -6.09 -36.43
N ASN B 297 6.18 -6.45 -35.16
CA ASN B 297 7.27 -7.00 -34.40
C ASN B 297 7.61 -8.40 -34.92
N ALA B 298 6.61 -9.14 -35.42
CA ALA B 298 6.86 -10.43 -36.06
C ALA B 298 7.71 -10.25 -37.36
N ALA B 299 7.40 -9.20 -38.14
CA ALA B 299 8.20 -8.86 -39.31
C ALA B 299 9.64 -8.54 -38.94
N ALA B 300 9.83 -7.80 -37.84
CA ALA B 300 11.18 -7.50 -37.35
C ALA B 300 11.96 -8.78 -36.95
N VAL B 301 11.29 -9.74 -36.31
CA VAL B 301 11.95 -11.04 -36.02
C VAL B 301 12.44 -11.69 -37.33
N ARG B 302 11.53 -11.81 -38.30
CA ARG B 302 11.88 -12.41 -39.58
C ARG B 302 13.06 -11.76 -40.28
N ALA B 303 13.12 -10.43 -40.25
CA ALA B 303 14.23 -9.69 -40.89
C ALA B 303 15.55 -10.02 -40.24
N VAL B 304 15.54 -10.04 -38.90
CA VAL B 304 16.76 -10.37 -38.18
C VAL B 304 17.24 -11.81 -38.46
N LEU B 305 16.32 -12.76 -38.46
CA LEU B 305 16.71 -14.17 -38.66
C LEU B 305 17.14 -14.43 -40.12
N GLY B 306 16.70 -13.56 -41.03
CA GLY B 306 17.08 -13.65 -42.45
C GLY B 306 18.46 -13.06 -42.70
N GLY B 307 19.06 -12.48 -41.68
CA GLY B 307 20.41 -11.95 -41.80
C GLY B 307 20.56 -10.47 -42.06
N ALA B 308 19.47 -9.70 -41.97
CA ALA B 308 19.57 -8.24 -42.18
C ALA B 308 20.48 -7.62 -41.11
N ARG B 309 21.41 -6.78 -41.55
CA ARG B 309 22.35 -6.16 -40.63
C ARG B 309 21.76 -4.84 -40.12
N GLY B 310 22.32 -4.32 -39.04
CA GLY B 310 21.82 -3.08 -38.49
C GLY B 310 21.56 -3.13 -36.99
N PRO B 311 20.98 -2.06 -36.46
CA PRO B 311 20.78 -1.87 -35.03
C PRO B 311 19.98 -2.99 -34.35
N VAL B 312 18.91 -3.49 -34.99
CA VAL B 312 18.10 -4.53 -34.35
C VAL B 312 18.92 -5.82 -34.20
N ARG B 313 19.55 -6.29 -35.29
CA ARG B 313 20.49 -7.43 -35.22
C ARG B 313 21.55 -7.25 -34.14
N ASP B 314 22.15 -6.07 -34.12
CA ASP B 314 23.17 -5.80 -33.09
C ASP B 314 22.66 -6.05 -31.65
N ALA B 315 21.49 -5.50 -31.35
CA ALA B 315 20.87 -5.63 -30.03
C ALA B 315 20.54 -7.10 -29.71
N VAL B 316 19.99 -7.81 -30.68
CA VAL B 316 19.69 -9.25 -30.53
C VAL B 316 20.97 -10.02 -30.24
N VAL B 317 22.02 -9.73 -31.02
CA VAL B 317 23.27 -10.48 -30.89
C VAL B 317 23.90 -10.27 -29.50
N LEU B 318 23.88 -9.02 -29.06
CA LEU B 318 24.39 -8.66 -27.75
C LEU B 318 23.68 -9.42 -26.64
N ASN B 319 22.33 -9.41 -26.68
CA ASN B 319 21.56 -10.09 -25.66
C ASN B 319 21.69 -11.62 -25.72
N ALA B 320 21.73 -12.14 -26.95
CA ALA B 320 21.95 -13.57 -27.15
C ALA B 320 23.30 -13.97 -26.54
N ALA B 321 24.33 -13.18 -26.81
CA ALA B 321 25.67 -13.46 -26.23
C ALA B 321 25.64 -13.45 -24.71
N GLY B 322 24.95 -12.46 -24.14
CA GLY B 322 24.71 -12.39 -22.69
C GLY B 322 24.14 -13.65 -22.07
N ALA B 323 23.15 -14.24 -22.76
CA ALA B 323 22.55 -15.49 -22.29
C ALA B 323 23.51 -16.64 -22.40
N ILE B 324 24.30 -16.65 -23.49
CA ILE B 324 25.28 -17.68 -23.69
C ILE B 324 26.40 -17.56 -22.62
N VAL B 325 26.76 -16.34 -22.27
CA VAL B 325 27.68 -16.09 -21.12
C VAL B 325 27.13 -16.68 -19.81
N ALA B 326 25.87 -16.36 -19.48
CA ALA B 326 25.23 -16.96 -18.31
C ALA B 326 25.25 -18.49 -18.35
N HIS B 327 24.91 -19.07 -19.50
CA HIS B 327 24.99 -20.51 -19.68
C HIS B 327 26.43 -21.06 -19.40
N ALA B 328 27.44 -20.38 -19.93
CA ALA B 328 28.83 -20.76 -19.72
C ALA B 328 29.21 -20.75 -18.22
N GLY B 329 28.68 -19.78 -17.48
CA GLY B 329 28.91 -19.70 -16.02
C GLY B 329 28.44 -20.88 -15.19
N LEU B 330 27.69 -21.80 -15.81
CA LEU B 330 27.31 -23.05 -15.16
C LEU B 330 28.51 -24.01 -15.00
N SER B 331 29.60 -23.71 -15.70
CA SER B 331 30.82 -24.54 -15.70
C SER B 331 32.06 -23.65 -15.79
N SER B 332 32.27 -22.81 -14.78
CA SER B 332 33.48 -21.95 -14.66
C SER B 332 34.10 -21.46 -15.96
N ALA B 334 36.03 -20.42 -18.08
CA ALA B 334 35.85 -19.28 -18.97
C ALA B 334 35.94 -17.95 -18.22
N GLU B 335 36.95 -17.16 -18.59
CA GLU B 335 37.06 -15.79 -18.10
C GLU B 335 35.92 -14.94 -18.71
N TRP B 336 35.72 -13.75 -18.15
CA TRP B 336 34.63 -12.87 -18.55
C TRP B 336 34.73 -12.47 -20.02
N LEU B 337 35.88 -11.93 -20.42
CA LEU B 337 36.04 -11.39 -21.77
C LEU B 337 36.01 -12.45 -22.88
N PRO B 338 36.75 -13.56 -22.72
CA PRO B 338 36.63 -14.64 -23.71
C PRO B 338 35.20 -15.20 -23.82
N ALA B 339 34.51 -15.35 -22.68
CA ALA B 339 33.13 -15.84 -22.67
C ALA B 339 32.25 -14.98 -23.57
N TRP B 340 32.37 -13.67 -23.44
CA TRP B 340 31.65 -12.72 -24.28
C TRP B 340 32.02 -12.85 -25.77
N GLU B 341 33.32 -12.93 -26.05
CA GLU B 341 33.80 -13.09 -27.43
C GLU B 341 33.17 -14.31 -28.12
N GLU B 342 33.26 -15.47 -27.45
CA GLU B 342 32.67 -16.71 -27.93
CA GLU B 342 32.66 -16.71 -27.94
C GLU B 342 31.12 -16.59 -28.03
N GLY B 343 30.51 -15.95 -27.03
CA GLY B 343 29.08 -15.71 -27.04
C GLY B 343 28.62 -14.93 -28.27
N LEU B 344 29.28 -13.81 -28.56
CA LEU B 344 28.95 -13.00 -29.72
C LEU B 344 29.16 -13.77 -31.03
N ARG B 345 30.23 -14.54 -31.09
CA ARG B 345 30.56 -15.30 -32.28
C ARG B 345 29.50 -16.38 -32.51
N ARG B 346 29.11 -17.04 -31.42
CA ARG B 346 28.10 -18.08 -31.48
C ARG B 346 26.75 -17.51 -31.91
N ALA B 347 26.39 -16.35 -31.37
CA ALA B 347 25.13 -15.70 -31.75
C ALA B 347 25.11 -15.32 -33.23
N SER B 348 26.19 -14.69 -33.68
CA SER B 348 26.35 -14.32 -35.11
C SER B 348 26.25 -15.49 -36.07
N ALA B 349 26.98 -16.56 -35.75
CA ALA B 349 26.99 -17.77 -36.59
C ALA B 349 25.60 -18.39 -36.66
N ALA B 350 24.89 -18.43 -35.52
CA ALA B 350 23.52 -19.02 -35.48
C ALA B 350 22.58 -18.36 -36.47
N ILE B 351 22.69 -17.02 -36.58
CA ILE B 351 21.98 -16.31 -37.62
C ILE B 351 22.59 -16.59 -39.03
N ASP B 352 23.90 -16.44 -39.17
CA ASP B 352 24.47 -16.42 -40.53
C ASP B 352 24.55 -17.78 -41.23
N THR B 353 24.52 -18.86 -40.45
CA THR B 353 24.42 -20.23 -41.00
C THR B 353 22.99 -20.56 -41.41
N GLY B 354 22.04 -19.70 -41.07
CA GLY B 354 20.61 -20.00 -41.28
C GLY B 354 19.97 -20.74 -40.11
N ALA B 355 20.77 -21.16 -39.12
CA ALA B 355 20.25 -22.02 -38.04
C ALA B 355 19.09 -21.35 -37.29
N ALA B 356 19.16 -20.02 -37.06
CA ALA B 356 18.11 -19.38 -36.25
C ALA B 356 16.78 -19.34 -37.03
N GLU B 357 16.87 -19.00 -38.32
CA GLU B 357 15.68 -18.95 -39.17
C GLU B 357 15.09 -20.36 -39.26
N GLN B 358 15.95 -21.36 -39.42
CA GLN B 358 15.53 -22.76 -39.42
C GLN B 358 14.93 -23.21 -38.10
N LEU B 359 15.45 -22.72 -36.98
CA LEU B 359 14.86 -23.10 -35.69
C LEU B 359 13.42 -22.55 -35.54
N LEU B 360 13.23 -21.29 -35.88
CA LEU B 360 11.88 -20.73 -35.83
C LEU B 360 10.92 -21.54 -36.70
N ALA B 361 11.36 -21.89 -37.92
CA ALA B 361 10.55 -22.73 -38.80
C ALA B 361 10.24 -24.08 -38.14
N ARG B 362 11.24 -24.72 -37.52
CA ARG B 362 11.00 -26.01 -36.83
C ARG B 362 10.01 -25.84 -35.66
N TRP B 363 10.12 -24.73 -34.97
CA TRP B 363 9.25 -24.45 -33.83
C TRP B 363 7.79 -24.32 -34.28
N VAL B 364 7.58 -23.51 -35.33
CA VAL B 364 6.27 -23.34 -35.96
C VAL B 364 5.73 -24.69 -36.45
N ARG B 365 6.55 -25.47 -37.14
CA ARG B 365 6.17 -26.79 -37.63
C ARG B 365 5.66 -27.69 -36.50
N PHE B 366 6.42 -27.73 -35.40
CA PHE B 366 6.07 -28.52 -34.22
C PHE B 366 4.64 -28.19 -33.70
N GLY B 367 4.33 -26.90 -33.57
CA GLY B 367 3.03 -26.45 -33.10
C GLY B 367 1.91 -26.89 -34.05
N ARG B 368 2.17 -26.81 -35.36
CA ARG B 368 1.22 -27.25 -36.38
C ARG B 368 1.01 -28.76 -36.39
N GLN B 369 1.99 -29.52 -35.90
CA GLN B 369 1.87 -30.98 -35.82
C GLN B 369 0.92 -31.47 -34.73
N ILE B 370 0.63 -30.59 -33.75
CA ILE B 370 -0.16 -30.96 -32.58
C ILE B 370 -1.57 -31.46 -32.95
N LEU B 371 -2.28 -30.71 -33.79
CA LEU B 371 -3.46 -31.22 -34.50
C LEU B 371 -3.03 -32.37 -35.42
N ALA B 372 -3.61 -33.54 -35.23
CA ALA B 372 -3.11 -34.77 -35.87
C ALA B 372 -1.79 -35.21 -35.21
#